data_4Q43
#
_entry.id   4Q43
#
_cell.length_a   85.830
_cell.length_b   56.790
_cell.length_c   112.020
_cell.angle_alpha   90.00
_cell.angle_beta   91.96
_cell.angle_gamma   90.00
#
_symmetry.space_group_name_H-M   'P 1 21 1'
#
loop_
_entity.id
_entity.type
_entity.pdbx_description
1 polymer 'DNA polymerase IV'
2 polymer "DNA (5'-D(*TP*CP*TP*(RDG)P*GP*GP*GP*TP*CP*CP*TP*AP*GP*GP*AP*CP*CP*C)-3')"
3 polymer "DNA (5'-D(*T*CP*TP*AP*GP*GP*GP*TP*CP*CP*TP*AP*GP*GP*AP*CP*CP*C)-3')"
4 non-polymer "2'-deoxy-5'-O-[(R)-hydroxy{[(R)-hydroxy(phosphonooxy)phosphoryl]amino}phosphoryl]cytidine"
5 non-polymer 'MAGNESIUM ION'
6 water water
#
loop_
_entity_poly.entity_id
_entity_poly.type
_entity_poly.pdbx_seq_one_letter_code
_entity_poly.pdbx_strand_id
1 'polypeptide(L)'
;GSRKIIHVDMDCFFAAVEMRDNPALRDIPIAIGGSRERRGVISTANYPARKFGVRSAMPTGMALKLCPHLTLLPGRFDAY
KEASNHIREIFSRYTSRIEPLSLDEAYLDVTDSVHCHGSATLIAQEIRQTIFNELQLTASAGVAPVKFLAKIASDMNKPN
GQFVITPAEVPAFLQTLPLAKIPGVGKVSAAKLEAMGLRTCGDVQKCDLVMLLKRFGKFGRILWERSQGIDERDVNSERL
RKSVGVERTMAEDIHHWSECEAIIERLYPELERRLAKVKPDLLIARQGVKLKFDDFQQTTQEHVWPRLNKADLIATARKT
WDERRGGRGVRLVGLHVTLLDPQMERQLVLGL
;
A,F
2 'polydeoxyribonucleotide' (DT)(DC)(DT)(RDG)(DG)(DG)(DG)(DT)(DC)(DC)(DT)(DA)(DG)(DG)(DA)(DC)(DC)(DC) B,G
3 'polydeoxyribonucleotide' (DT)(DC)(DT)(DA)(DG)(DG)(DG)(DT)(DC)(DC)(DT)(DA)(DG)(DG)(DA)(DC)(DC)(DC) C,H
#
loop_
_chem_comp.id
_chem_comp.type
_chem_comp.name
_chem_comp.formula
0KX non-polymer 2'-deoxy-5'-O-[(R)-hydroxy{[(R)-hydroxy(phosphonooxy)phosphoryl]amino}phosphoryl]cytidine 'C9 H17 N4 O12 P3'
DA DNA linking 2'-DEOXYADENOSINE-5'-MONOPHOSPHATE 'C10 H14 N5 O6 P'
DC DNA linking 2'-DEOXYCYTIDINE-5'-MONOPHOSPHATE 'C9 H14 N3 O7 P'
DG DNA linking 2'-DEOXYGUANOSINE-5'-MONOPHOSPHATE 'C10 H14 N5 O7 P'
DT DNA linking THYMIDINE-5'-MONOPHOSPHATE 'C10 H15 N2 O8 P'
MG non-polymer 'MAGNESIUM ION' 'Mg 2'
RDG DNA linking '2'-deoxy-N-(furan-2-ylmethyl)guanosine 5'-(dihydrogen phosphate)' 'C15 H18 N5 O8 P'
#
# COMPACT_ATOMS: atom_id res chain seq x y z
N GLY A 1 -6.81 -20.75 -51.40
CA GLY A 1 -5.41 -20.91 -51.70
C GLY A 1 -4.53 -20.89 -50.46
N SER A 2 -3.23 -20.75 -50.68
CA SER A 2 -2.27 -20.71 -49.58
C SER A 2 -2.10 -19.28 -49.03
N ARG A 3 -2.23 -19.14 -47.71
CA ARG A 3 -2.04 -17.86 -47.04
C ARG A 3 -0.55 -17.52 -46.95
N LYS A 4 -0.23 -16.29 -46.54
CA LYS A 4 1.16 -15.88 -46.31
C LYS A 4 1.32 -15.15 -44.99
N ILE A 5 1.79 -15.87 -43.97
CA ILE A 5 1.96 -15.32 -42.63
C ILE A 5 3.43 -15.12 -42.31
N ILE A 6 3.74 -13.97 -41.74
CA ILE A 6 5.08 -13.69 -41.29
C ILE A 6 5.02 -13.47 -39.77
N HIS A 7 5.89 -14.14 -39.02
CA HIS A 7 5.98 -13.86 -37.58
C HIS A 7 7.29 -13.13 -37.32
N VAL A 8 7.23 -12.04 -36.59
CA VAL A 8 8.43 -11.26 -36.28
C VAL A 8 8.69 -11.24 -34.79
N ASP A 9 9.94 -11.47 -34.41
CA ASP A 9 10.36 -11.60 -33.01
C ASP A 9 11.71 -10.91 -32.85
N MET A 10 11.76 -9.87 -32.02
CA MET A 10 13.01 -9.17 -31.74
C MET A 10 14.03 -10.13 -31.15
N ASP A 11 15.29 -9.76 -31.20
CA ASP A 11 16.31 -10.60 -30.60
C ASP A 11 16.67 -10.04 -29.23
N CYS A 12 16.64 -10.91 -28.21
CA CYS A 12 17.03 -10.55 -26.84
C CYS A 12 16.53 -9.17 -26.41
N PHE A 13 15.22 -8.98 -26.55
CA PHE A 13 14.62 -7.65 -26.56
C PHE A 13 15.13 -6.64 -25.53
N PHE A 14 14.84 -6.88 -24.25
CA PHE A 14 15.22 -5.93 -23.20
C PHE A 14 16.74 -5.72 -23.13
N ALA A 15 17.48 -6.83 -23.13
CA ALA A 15 18.93 -6.79 -23.13
C ALA A 15 19.49 -6.07 -24.36
N ALA A 16 18.89 -6.32 -25.52
CA ALA A 16 19.26 -5.64 -26.76
C ALA A 16 19.09 -4.14 -26.61
N VAL A 17 17.96 -3.73 -26.04
CA VAL A 17 17.67 -2.32 -25.78
C VAL A 17 18.70 -1.66 -24.86
N GLU A 18 18.98 -2.29 -23.71
CA GLU A 18 19.98 -1.74 -22.78
C GLU A 18 21.39 -1.75 -23.37
N MET A 19 21.63 -2.67 -24.31
CA MET A 19 22.92 -2.79 -24.97
C MET A 19 23.12 -1.65 -25.95
N ARG A 20 22.10 -1.39 -26.77
CA ARG A 20 22.08 -0.27 -27.70
C ARG A 20 22.25 1.06 -26.99
N ASP A 21 21.48 1.25 -25.93
CA ASP A 21 21.48 2.49 -25.17
C ASP A 21 22.67 2.61 -24.22
N ASN A 22 23.45 1.53 -24.14
CA ASN A 22 24.69 1.53 -23.37
C ASN A 22 25.59 0.38 -23.80
N PRO A 23 26.44 0.62 -24.81
CA PRO A 23 27.33 -0.42 -25.35
C PRO A 23 28.48 -0.72 -24.41
N ALA A 24 28.54 0.01 -23.30
CA ALA A 24 29.50 -0.28 -22.25
C ALA A 24 29.20 -1.65 -21.68
N LEU A 25 27.94 -2.08 -21.78
CA LEU A 25 27.57 -3.46 -21.51
C LEU A 25 28.03 -4.26 -22.72
N ARG A 26 27.06 -4.85 -23.43
CA ARG A 26 27.28 -5.40 -24.77
C ARG A 26 28.17 -6.67 -24.83
N ASP A 27 29.21 -6.74 -24.00
CA ASP A 27 30.09 -7.89 -24.00
C ASP A 27 30.20 -8.58 -22.65
N ILE A 28 29.52 -8.03 -21.65
CA ILE A 28 29.48 -8.65 -20.33
C ILE A 28 28.16 -9.41 -20.16
N PRO A 29 28.16 -10.43 -19.28
CA PRO A 29 26.89 -11.10 -18.96
C PRO A 29 25.96 -10.15 -18.20
N ILE A 30 24.91 -9.67 -18.86
CA ILE A 30 23.90 -8.87 -18.17
C ILE A 30 22.53 -9.55 -18.22
N ALA A 31 21.67 -9.19 -17.27
CA ALA A 31 20.28 -9.64 -17.29
C ALA A 31 19.34 -8.55 -16.78
N ILE A 32 18.14 -8.50 -17.35
CA ILE A 32 17.08 -7.69 -16.79
C ILE A 32 16.24 -8.59 -15.89
N GLY A 33 16.16 -8.20 -14.63
CA GLY A 33 15.31 -8.87 -13.67
C GLY A 33 15.32 -8.13 -12.35
N GLY A 34 14.67 -8.70 -11.33
CA GLY A 34 14.66 -8.08 -10.02
C GLY A 34 15.85 -8.54 -9.20
N SER A 35 16.19 -7.76 -8.18
CA SER A 35 17.30 -8.07 -7.29
C SER A 35 17.00 -9.31 -6.46
N ARG A 36 18.04 -9.99 -6.01
CA ARG A 36 17.88 -11.22 -5.22
C ARG A 36 17.26 -10.98 -3.83
N GLU A 37 17.61 -9.86 -3.21
CA GLU A 37 17.03 -9.45 -1.93
C GLU A 37 15.55 -9.13 -2.09
N ARG A 38 15.18 -8.66 -3.28
CA ARG A 38 13.79 -8.32 -3.56
C ARG A 38 13.07 -9.54 -4.15
N ARG A 39 13.74 -10.69 -4.08
CA ARG A 39 13.17 -11.98 -4.50
C ARG A 39 12.79 -12.00 -5.98
N GLY A 40 13.65 -11.40 -6.79
CA GLY A 40 13.38 -11.22 -8.21
C GLY A 40 13.68 -12.40 -9.09
N VAL A 41 13.35 -12.25 -10.37
CA VAL A 41 13.49 -13.30 -11.37
C VAL A 41 14.14 -12.69 -12.60
N ILE A 42 14.85 -13.48 -13.39
CA ILE A 42 15.41 -12.97 -14.64
C ILE A 42 14.33 -12.83 -15.70
N SER A 43 14.14 -11.60 -16.19
CA SER A 43 13.24 -11.34 -17.31
C SER A 43 13.91 -11.76 -18.62
N THR A 44 15.15 -11.32 -18.82
CA THR A 44 15.91 -11.80 -19.99
C THR A 44 17.41 -11.60 -19.81
N ALA A 45 18.22 -12.43 -20.47
CA ALA A 45 19.67 -12.27 -20.42
C ALA A 45 20.21 -12.15 -21.84
N ASN A 46 21.40 -11.57 -21.99
CA ASN A 46 22.09 -11.58 -23.29
C ASN A 46 22.93 -12.86 -23.46
N TYR A 47 23.42 -13.08 -24.67
CA TYR A 47 24.17 -14.30 -24.97
C TYR A 47 25.40 -14.55 -24.08
N PRO A 48 26.16 -13.49 -23.73
CA PRO A 48 27.23 -13.72 -22.76
C PRO A 48 26.72 -14.25 -21.42
N ALA A 49 25.49 -13.92 -21.02
CA ALA A 49 24.89 -14.45 -19.78
C ALA A 49 24.28 -15.82 -19.98
N ARG A 50 23.63 -16.02 -21.13
CA ARG A 50 23.05 -17.31 -21.47
C ARG A 50 24.14 -18.37 -21.56
N LYS A 51 25.33 -17.94 -21.95
CA LYS A 51 26.54 -18.75 -21.98
C LYS A 51 26.74 -19.48 -20.66
N PHE A 52 26.40 -18.80 -19.56
CA PHE A 52 26.47 -19.39 -18.23
C PHE A 52 25.20 -20.15 -17.87
N GLY A 53 24.24 -20.18 -18.80
CA GLY A 53 23.00 -20.90 -18.58
C GLY A 53 21.92 -20.10 -17.88
N VAL A 54 22.03 -18.78 -17.94
CA VAL A 54 21.04 -17.88 -17.37
C VAL A 54 19.86 -17.73 -18.34
N ARG A 55 18.65 -18.02 -17.85
CA ARG A 55 17.45 -18.02 -18.69
C ARG A 55 16.38 -17.11 -18.14
N SER A 56 15.41 -16.77 -18.99
CA SER A 56 14.22 -16.04 -18.55
C SER A 56 13.42 -16.92 -17.59
N ALA A 57 12.70 -16.29 -16.67
CA ALA A 57 11.88 -16.98 -15.67
C ALA A 57 12.70 -17.72 -14.62
N MET A 58 14.02 -17.53 -14.65
CA MET A 58 14.90 -18.14 -13.67
C MET A 58 15.01 -17.22 -12.46
N PRO A 59 14.87 -17.78 -11.26
CA PRO A 59 15.13 -17.01 -10.03
C PRO A 59 16.51 -16.36 -10.06
N THR A 60 16.56 -15.11 -9.63
CA THR A 60 17.77 -14.29 -9.71
C THR A 60 18.99 -14.86 -8.98
N GLY A 61 18.76 -15.41 -7.80
CA GLY A 61 19.83 -16.01 -7.01
C GLY A 61 20.46 -17.18 -7.73
N MET A 62 19.63 -17.95 -8.44
CA MET A 62 20.11 -19.07 -9.24
C MET A 62 20.96 -18.59 -10.40
N ALA A 63 20.54 -17.49 -11.03
CA ALA A 63 21.31 -16.89 -12.12
C ALA A 63 22.63 -16.33 -11.59
N LEU A 64 22.64 -15.96 -10.31
CA LEU A 64 23.85 -15.42 -9.69
C LEU A 64 24.82 -16.54 -9.31
N LYS A 65 24.28 -17.70 -8.91
CA LYS A 65 25.11 -18.88 -8.68
C LYS A 65 25.78 -19.34 -9.98
N LEU A 66 25.10 -19.15 -11.10
CA LEU A 66 25.65 -19.55 -12.40
C LEU A 66 26.56 -18.48 -12.98
N CYS A 67 26.53 -17.29 -12.38
CA CYS A 67 27.19 -16.13 -12.94
C CYS A 67 27.20 -15.03 -11.89
N PRO A 68 28.18 -15.08 -10.97
CA PRO A 68 28.25 -14.17 -9.83
C PRO A 68 28.54 -12.75 -10.27
N HIS A 69 29.34 -12.63 -11.32
CA HIS A 69 29.69 -11.33 -11.86
C HIS A 69 28.73 -10.97 -12.98
N LEU A 70 27.46 -11.32 -12.76
CA LEU A 70 26.38 -10.93 -13.66
C LEU A 70 25.99 -9.50 -13.36
N THR A 71 25.69 -8.73 -14.41
CA THR A 71 25.28 -7.34 -14.25
C THR A 71 23.77 -7.22 -14.41
N LEU A 72 23.08 -7.10 -13.29
CA LEU A 72 21.62 -7.10 -13.27
C LEU A 72 21.03 -5.71 -13.37
N LEU A 73 20.22 -5.48 -14.39
CA LEU A 73 19.53 -4.21 -14.60
C LEU A 73 18.05 -4.35 -14.25
N PRO A 74 17.47 -3.31 -13.62
CA PRO A 74 16.09 -3.34 -13.13
C PRO A 74 15.05 -3.28 -14.23
N GLY A 75 15.39 -2.62 -15.33
CA GLY A 75 14.46 -2.49 -16.45
C GLY A 75 14.07 -1.04 -16.71
N ARG A 76 13.78 -0.74 -17.98
CA ARG A 76 13.32 0.59 -18.39
C ARG A 76 12.20 0.41 -19.41
N PHE A 77 10.98 0.18 -18.91
CA PHE A 77 9.88 -0.30 -19.75
C PHE A 77 9.32 0.71 -20.76
N ASP A 78 9.49 2.00 -20.47
CA ASP A 78 8.98 3.03 -21.36
C ASP A 78 9.77 3.04 -22.67
N ALA A 79 11.05 2.68 -22.57
CA ALA A 79 11.91 2.57 -23.74
C ALA A 79 11.54 1.36 -24.60
N TYR A 80 11.26 0.24 -23.93
CA TYR A 80 10.88 -0.98 -24.62
C TYR A 80 9.56 -0.73 -25.34
N LYS A 81 8.65 -0.04 -24.66
CA LYS A 81 7.36 0.34 -25.23
C LYS A 81 7.55 1.29 -26.42
N GLU A 82 8.54 2.17 -26.32
CA GLU A 82 8.86 3.05 -27.43
C GLU A 82 9.27 2.22 -28.66
N ALA A 83 10.14 1.23 -28.44
CA ALA A 83 10.61 0.38 -29.53
C ALA A 83 9.48 -0.45 -30.12
N SER A 84 8.57 -0.88 -29.26
CA SER A 84 7.43 -1.68 -29.68
C SER A 84 6.52 -0.85 -30.59
N ASN A 85 6.15 0.34 -30.12
CA ASN A 85 5.40 1.30 -30.92
C ASN A 85 6.05 1.48 -32.29
N HIS A 86 7.38 1.64 -32.28
CA HIS A 86 8.11 1.89 -33.51
C HIS A 86 8.02 0.72 -34.49
N ILE A 87 8.36 -0.49 -34.05
CA ILE A 87 8.35 -1.65 -34.95
C ILE A 87 6.95 -1.99 -35.44
N ARG A 88 5.94 -1.65 -34.62
CA ARG A 88 4.55 -1.83 -35.02
C ARG A 88 4.20 -0.87 -36.15
N GLU A 89 4.57 0.39 -35.97
CA GLU A 89 4.43 1.39 -37.03
C GLU A 89 5.08 0.87 -38.32
N ILE A 90 6.28 0.31 -38.20
CA ILE A 90 6.95 -0.27 -39.36
C ILE A 90 6.10 -1.39 -39.99
N PHE A 91 5.59 -2.30 -39.16
CA PHE A 91 4.69 -3.36 -39.62
C PHE A 91 3.52 -2.82 -40.44
N SER A 92 2.97 -1.68 -40.03
CA SER A 92 1.85 -1.08 -40.76
C SER A 92 2.19 -0.73 -42.21
N ARG A 93 3.39 -0.18 -42.43
CA ARG A 93 3.85 0.23 -43.77
C ARG A 93 3.69 -0.84 -44.84
N TYR A 94 3.52 -2.09 -44.41
CA TYR A 94 3.48 -3.22 -45.33
C TYR A 94 2.11 -3.91 -45.33
N THR A 95 1.39 -3.79 -44.22
CA THR A 95 0.07 -4.41 -44.11
C THR A 95 -0.78 -3.78 -43.00
N SER A 96 -2.07 -4.11 -43.02
CA SER A 96 -2.99 -3.62 -41.99
C SER A 96 -3.36 -4.80 -41.10
N ARG A 97 -3.20 -6.00 -41.64
CA ARG A 97 -3.49 -7.22 -40.89
C ARG A 97 -2.32 -7.56 -39.95
N ILE A 98 -2.27 -6.88 -38.81
CA ILE A 98 -1.22 -7.08 -37.81
C ILE A 98 -1.77 -7.50 -36.44
N GLU A 99 -1.31 -8.63 -35.93
CA GLU A 99 -1.70 -9.10 -34.59
C GLU A 99 -0.50 -9.13 -33.65
N PRO A 100 -0.37 -8.09 -32.80
CA PRO A 100 0.71 -8.03 -31.80
C PRO A 100 0.48 -9.10 -30.74
N LEU A 101 1.56 -9.69 -30.25
CA LEU A 101 1.46 -10.73 -29.23
C LEU A 101 2.12 -10.25 -27.94
N SER A 102 3.07 -9.33 -28.12
CA SER A 102 3.82 -8.78 -27.00
C SER A 102 4.47 -7.50 -27.50
N LEU A 103 5.38 -6.96 -26.71
CA LEU A 103 6.09 -5.77 -27.14
C LEU A 103 7.02 -6.06 -28.34
N ASP A 104 7.52 -7.29 -28.42
CA ASP A 104 8.59 -7.62 -29.37
C ASP A 104 8.18 -8.62 -30.44
N GLU A 105 6.92 -9.05 -30.41
CA GLU A 105 6.42 -10.07 -31.35
C GLU A 105 5.17 -9.61 -32.08
N ALA A 106 5.02 -10.08 -33.32
CA ALA A 106 3.75 -9.90 -34.01
C ALA A 106 3.56 -10.86 -35.19
N TYR A 107 2.30 -11.16 -35.47
CA TYR A 107 1.93 -11.84 -36.70
C TYR A 107 1.52 -10.81 -37.75
N LEU A 108 1.91 -11.04 -38.99
CA LEU A 108 1.51 -10.22 -40.12
C LEU A 108 0.93 -11.10 -41.22
N ASP A 109 -0.11 -10.58 -41.87
CA ASP A 109 -0.75 -11.27 -42.96
C ASP A 109 -0.49 -10.45 -44.22
N VAL A 110 0.04 -11.12 -45.25
CA VAL A 110 0.53 -10.43 -46.44
C VAL A 110 0.16 -11.14 -47.74
N THR A 111 -0.78 -12.08 -47.72
CA THR A 111 -1.12 -12.84 -48.93
C THR A 111 -1.72 -11.98 -50.06
N ASP A 112 -2.14 -10.77 -49.69
CA ASP A 112 -2.61 -9.80 -50.68
C ASP A 112 -1.70 -8.59 -50.66
N SER A 113 -0.61 -8.62 -51.43
CA SER A 113 0.33 -7.49 -51.44
C SER A 113 1.10 -7.30 -52.75
N VAL A 114 1.54 -6.07 -52.98
CA VAL A 114 2.35 -5.72 -54.15
C VAL A 114 3.76 -5.29 -53.73
N HIS A 115 4.02 -5.34 -52.43
CA HIS A 115 5.24 -4.72 -51.87
C HIS A 115 6.53 -5.41 -52.28
N CYS A 116 6.48 -6.72 -52.48
CA CYS A 116 7.62 -7.45 -53.00
C CYS A 116 7.15 -8.47 -54.04
N HIS A 117 6.14 -8.06 -54.81
CA HIS A 117 5.56 -8.88 -55.88
C HIS A 117 4.93 -10.17 -55.32
N GLY A 118 4.68 -10.18 -54.01
CA GLY A 118 4.16 -11.36 -53.35
C GLY A 118 5.20 -12.11 -52.54
N SER A 119 6.46 -11.66 -52.62
CA SER A 119 7.55 -12.29 -51.88
C SER A 119 7.45 -11.94 -50.39
N ALA A 120 6.89 -12.86 -49.62
CA ALA A 120 6.90 -12.73 -48.18
C ALA A 120 8.36 -12.71 -47.70
N THR A 121 9.21 -13.47 -48.38
CA THR A 121 10.63 -13.53 -48.05
C THR A 121 11.26 -12.14 -48.08
N LEU A 122 11.03 -11.41 -49.17
CA LEU A 122 11.62 -10.09 -49.33
C LEU A 122 10.97 -9.02 -48.44
N ILE A 123 9.69 -9.19 -48.11
CA ILE A 123 9.00 -8.25 -47.22
C ILE A 123 9.54 -8.39 -45.80
N ALA A 124 9.61 -9.64 -45.33
CA ALA A 124 10.25 -9.95 -44.05
C ALA A 124 11.66 -9.37 -44.01
N GLN A 125 12.46 -9.78 -45.00
CA GLN A 125 13.83 -9.29 -45.18
C GLN A 125 13.92 -7.77 -45.00
N GLU A 126 13.04 -7.06 -45.72
CA GLU A 126 12.95 -5.61 -45.64
C GLU A 126 12.68 -5.17 -44.21
N ILE A 127 11.49 -5.51 -43.71
CA ILE A 127 11.05 -5.23 -42.32
C ILE A 127 12.19 -5.35 -41.30
N ARG A 128 12.88 -6.49 -41.32
CA ARG A 128 14.03 -6.70 -40.44
C ARG A 128 15.10 -5.65 -40.69
N GLN A 129 15.46 -5.46 -41.97
CA GLN A 129 16.50 -4.49 -42.32
C GLN A 129 16.18 -3.05 -41.88
N THR A 130 14.93 -2.63 -42.06
CA THR A 130 14.51 -1.30 -41.61
C THR A 130 14.29 -1.18 -40.10
N ILE A 131 14.01 -2.29 -39.42
CA ILE A 131 14.03 -2.30 -37.95
C ILE A 131 15.46 -2.03 -37.50
N PHE A 132 16.43 -2.67 -38.14
CA PHE A 132 17.82 -2.38 -37.82
C PHE A 132 18.24 -0.95 -38.19
N ASN A 133 17.71 -0.44 -39.29
CA ASN A 133 18.00 0.94 -39.70
C ASN A 133 17.44 1.97 -38.71
N GLU A 134 16.11 2.01 -38.61
CA GLU A 134 15.43 3.02 -37.81
C GLU A 134 15.62 2.82 -36.30
N LEU A 135 15.67 1.58 -35.84
CA LEU A 135 15.74 1.29 -34.41
C LEU A 135 17.11 0.82 -33.91
N GLN A 136 18.05 0.61 -34.83
CA GLN A 136 19.44 0.26 -34.46
C GLN A 136 19.43 -1.01 -33.58
N LEU A 137 18.64 -2.00 -34.01
CA LEU A 137 18.31 -3.14 -33.17
C LEU A 137 17.84 -4.28 -34.07
N THR A 138 18.25 -5.51 -33.74
CA THR A 138 17.99 -6.62 -34.65
C THR A 138 16.63 -7.32 -34.46
N ALA A 139 16.36 -8.28 -35.34
CA ALA A 139 15.07 -8.94 -35.37
C ALA A 139 15.26 -10.24 -36.13
N SER A 140 14.41 -11.20 -35.82
CA SER A 140 14.38 -12.45 -36.56
C SER A 140 12.94 -12.66 -37.02
N ALA A 141 12.76 -13.45 -38.08
CA ALA A 141 11.43 -13.64 -38.66
C ALA A 141 11.21 -15.02 -39.26
N GLY A 142 9.96 -15.42 -39.35
CA GLY A 142 9.60 -16.70 -39.92
C GLY A 142 8.46 -16.53 -40.90
N VAL A 143 8.38 -17.40 -41.88
CA VAL A 143 7.41 -17.27 -42.96
C VAL A 143 6.77 -18.62 -43.25
N ALA A 144 5.44 -18.65 -43.26
CA ALA A 144 4.71 -19.91 -43.35
C ALA A 144 3.24 -19.69 -43.72
N PRO A 145 2.60 -20.72 -44.30
CA PRO A 145 1.17 -20.71 -44.63
C PRO A 145 0.27 -20.59 -43.40
N VAL A 146 0.78 -20.85 -42.20
CA VAL A 146 -0.02 -20.74 -40.98
C VAL A 146 0.74 -20.08 -39.82
N LYS A 147 -0.01 -19.64 -38.81
CA LYS A 147 0.54 -18.93 -37.65
C LYS A 147 1.66 -19.70 -36.93
N PHE A 148 1.32 -20.88 -36.43
CA PHE A 148 2.25 -21.61 -35.57
C PHE A 148 3.54 -21.99 -36.29
N LEU A 149 3.44 -22.26 -37.58
CA LEU A 149 4.62 -22.57 -38.39
C LEU A 149 5.49 -21.33 -38.64
N ALA A 150 4.89 -20.15 -38.63
CA ALA A 150 5.66 -18.91 -38.78
C ALA A 150 6.37 -18.60 -37.47
N LYS A 151 5.65 -18.87 -36.38
CA LYS A 151 6.20 -18.76 -35.03
C LYS A 151 7.44 -19.66 -34.88
N ILE A 152 7.27 -20.94 -35.19
CA ILE A 152 8.37 -21.90 -35.16
C ILE A 152 9.49 -21.51 -36.14
N ALA A 153 9.11 -20.95 -37.30
CA ALA A 153 10.11 -20.53 -38.28
C ALA A 153 11.00 -19.40 -37.80
N SER A 154 10.40 -18.44 -37.09
CA SER A 154 11.12 -17.27 -36.60
C SER A 154 12.22 -17.60 -35.57
N ASP A 155 12.21 -18.81 -35.03
CA ASP A 155 13.23 -19.24 -34.07
C ASP A 155 14.43 -19.90 -34.75
N MET A 156 14.17 -20.55 -35.87
CA MET A 156 15.12 -21.46 -36.50
C MET A 156 16.40 -20.84 -37.11
N ASN A 157 16.35 -19.55 -37.38
CA ASN A 157 17.56 -18.84 -37.83
C ASN A 157 17.90 -17.67 -36.93
N LYS A 158 17.52 -17.79 -35.66
CA LYS A 158 17.78 -16.75 -34.67
C LYS A 158 19.24 -16.85 -34.23
N PRO A 159 19.85 -15.71 -33.88
CA PRO A 159 19.40 -14.31 -33.97
C PRO A 159 19.70 -13.66 -35.33
N ASN A 160 19.13 -12.49 -35.57
CA ASN A 160 19.21 -11.75 -36.85
C ASN A 160 19.23 -12.64 -38.11
N GLY A 161 18.27 -13.54 -38.17
CA GLY A 161 18.08 -14.36 -39.36
C GLY A 161 16.60 -14.46 -39.62
N GLN A 162 16.25 -15.15 -40.69
CA GLN A 162 14.86 -15.41 -40.95
C GLN A 162 14.80 -16.80 -41.56
N PHE A 163 13.61 -17.37 -41.62
CA PHE A 163 13.46 -18.70 -42.20
C PHE A 163 12.11 -18.81 -42.86
N VAL A 164 12.06 -19.49 -43.99
CA VAL A 164 10.84 -19.54 -44.77
C VAL A 164 10.38 -20.98 -44.98
N ILE A 165 9.12 -21.23 -44.64
CA ILE A 165 8.50 -22.51 -44.93
C ILE A 165 7.41 -22.31 -45.98
N THR A 166 7.47 -23.10 -47.04
CA THR A 166 6.46 -23.08 -48.11
C THR A 166 5.54 -24.26 -47.95
N PRO A 167 4.31 -24.17 -48.50
CA PRO A 167 3.35 -25.27 -48.44
C PRO A 167 3.93 -26.57 -48.96
N ALA A 168 4.94 -26.46 -49.82
CA ALA A 168 5.63 -27.60 -50.40
C ALA A 168 6.53 -28.32 -49.39
N GLU A 169 7.03 -27.56 -48.41
CA GLU A 169 8.02 -28.05 -47.44
C GLU A 169 7.41 -28.54 -46.13
N VAL A 170 6.08 -28.47 -46.01
CA VAL A 170 5.38 -28.67 -44.74
C VAL A 170 5.37 -30.09 -44.16
N PRO A 171 5.05 -31.12 -44.96
CA PRO A 171 5.04 -32.47 -44.37
C PRO A 171 6.44 -32.99 -44.00
N ALA A 172 7.43 -32.68 -44.83
CA ALA A 172 8.83 -32.95 -44.51
C ALA A 172 9.15 -32.33 -43.15
N PHE A 173 8.89 -31.03 -43.05
CA PHE A 173 9.11 -30.26 -41.83
C PHE A 173 8.40 -30.83 -40.60
N LEU A 174 7.22 -31.38 -40.82
CA LEU A 174 6.36 -31.87 -39.75
C LEU A 174 6.73 -33.28 -39.28
N GLN A 175 7.31 -34.08 -40.17
CA GLN A 175 7.56 -35.49 -39.85
C GLN A 175 8.47 -35.67 -38.63
N THR A 176 9.49 -34.82 -38.53
CA THR A 176 10.47 -34.94 -37.46
C THR A 176 10.38 -33.79 -36.46
N LEU A 177 9.39 -32.91 -36.65
CA LEU A 177 9.19 -31.77 -35.76
C LEU A 177 8.74 -32.20 -34.36
N PRO A 178 9.54 -31.87 -33.34
CA PRO A 178 9.22 -32.19 -31.95
C PRO A 178 7.94 -31.48 -31.47
N LEU A 179 7.16 -32.14 -30.62
CA LEU A 179 5.92 -31.56 -30.12
C LEU A 179 6.16 -30.33 -29.23
N ALA A 180 7.22 -30.38 -28.44
CA ALA A 180 7.57 -29.28 -27.54
C ALA A 180 7.95 -27.99 -28.28
N LYS A 181 8.03 -28.05 -29.61
CA LYS A 181 8.31 -26.86 -30.40
C LYS A 181 7.03 -26.11 -30.78
N ILE A 182 5.92 -26.85 -30.81
CA ILE A 182 4.62 -26.25 -31.09
C ILE A 182 4.18 -25.37 -29.93
N PRO A 183 3.87 -24.09 -30.22
CA PRO A 183 3.45 -23.18 -29.14
C PRO A 183 2.25 -23.73 -28.40
N GLY A 184 2.18 -23.49 -27.10
CA GLY A 184 1.11 -24.03 -26.28
C GLY A 184 1.46 -25.37 -25.66
N VAL A 185 2.50 -26.01 -26.18
CA VAL A 185 2.95 -27.28 -25.61
C VAL A 185 4.13 -27.05 -24.67
N GLY A 186 3.85 -26.86 -23.40
CA GLY A 186 4.88 -26.63 -22.40
C GLY A 186 5.35 -27.93 -21.77
N LYS A 187 6.09 -27.85 -20.67
CA LYS A 187 6.70 -29.03 -20.08
C LYS A 187 5.72 -30.10 -19.52
N VAL A 188 4.62 -29.68 -18.91
CA VAL A 188 3.60 -30.63 -18.43
C VAL A 188 3.03 -31.45 -19.58
N SER A 189 2.56 -30.76 -20.61
CA SER A 189 2.00 -31.41 -21.78
C SER A 189 3.07 -32.25 -22.46
N ALA A 190 4.25 -31.66 -22.65
CA ALA A 190 5.37 -32.36 -23.27
C ALA A 190 5.78 -33.61 -22.49
N ALA A 191 5.40 -33.68 -21.22
CA ALA A 191 5.63 -34.87 -20.41
C ALA A 191 4.53 -35.90 -20.64
N LYS A 192 3.27 -35.45 -20.58
CA LYS A 192 2.13 -36.35 -20.82
C LYS A 192 2.26 -37.04 -22.17
N LEU A 193 2.68 -36.28 -23.17
CA LEU A 193 2.97 -36.80 -24.51
C LEU A 193 4.09 -37.85 -24.48
N GLU A 194 5.08 -37.64 -23.61
CA GLU A 194 6.16 -38.60 -23.47
C GLU A 194 5.66 -39.94 -22.92
N ALA A 195 4.93 -39.87 -21.81
CA ALA A 195 4.28 -41.06 -21.24
C ALA A 195 3.38 -41.78 -22.26
N MET A 196 2.52 -41.02 -22.93
CA MET A 196 1.70 -41.54 -24.02
C MET A 196 2.60 -42.14 -25.11
N GLY A 197 3.80 -41.58 -25.28
CA GLY A 197 4.75 -42.07 -26.27
C GLY A 197 4.96 -41.17 -27.46
N LEU A 198 4.44 -39.95 -27.41
CA LEU A 198 4.49 -39.03 -28.55
C LEU A 198 5.59 -37.97 -28.43
N ARG A 199 6.41 -37.85 -29.47
CA ARG A 199 7.49 -36.85 -29.45
C ARG A 199 7.50 -35.97 -30.72
N THR A 200 7.22 -36.56 -31.87
CA THR A 200 7.19 -35.80 -33.12
C THR A 200 5.76 -35.63 -33.64
N CYS A 201 5.54 -34.60 -34.45
CA CYS A 201 4.24 -34.41 -35.08
C CYS A 201 3.87 -35.65 -35.87
N GLY A 202 4.86 -36.24 -36.54
CA GLY A 202 4.65 -37.46 -37.30
C GLY A 202 4.12 -38.62 -36.48
N ASP A 203 4.35 -38.57 -35.17
CA ASP A 203 3.83 -39.60 -34.27
C ASP A 203 2.35 -39.35 -33.99
N VAL A 204 1.98 -38.07 -33.93
CA VAL A 204 0.59 -37.68 -33.71
C VAL A 204 -0.23 -37.88 -35.00
N GLN A 205 0.43 -37.71 -36.15
CA GLN A 205 -0.17 -37.91 -37.47
C GLN A 205 -0.73 -39.31 -37.61
N LYS A 206 -0.31 -40.21 -36.71
CA LYS A 206 -0.68 -41.61 -36.79
C LYS A 206 -1.34 -42.14 -35.50
N CYS A 207 -1.90 -41.25 -34.68
CA CYS A 207 -2.64 -41.74 -33.51
C CYS A 207 -4.15 -41.65 -33.71
N ASP A 208 -4.88 -41.62 -32.60
CA ASP A 208 -6.33 -41.73 -32.63
C ASP A 208 -6.99 -40.52 -31.95
N LEU A 209 -7.57 -39.63 -32.76
CA LEU A 209 -8.10 -38.35 -32.28
C LEU A 209 -9.08 -38.48 -31.11
N VAL A 210 -9.79 -39.61 -31.06
CA VAL A 210 -10.67 -39.92 -29.92
C VAL A 210 -9.86 -39.96 -28.63
N MET A 211 -8.67 -40.56 -28.70
CA MET A 211 -7.78 -40.67 -27.54
C MET A 211 -7.33 -39.31 -27.03
N LEU A 212 -6.76 -38.50 -27.93
CA LEU A 212 -6.29 -37.17 -27.60
C LEU A 212 -7.45 -36.33 -27.03
N LEU A 213 -8.64 -36.55 -27.57
CA LEU A 213 -9.81 -35.84 -27.06
C LEU A 213 -10.20 -36.30 -25.66
N LYS A 214 -9.95 -37.57 -25.36
CA LYS A 214 -10.26 -38.14 -24.05
C LYS A 214 -9.24 -37.75 -22.96
N ARG A 215 -7.96 -37.67 -23.35
CA ARG A 215 -6.90 -37.41 -22.38
C ARG A 215 -6.37 -35.97 -22.40
N PHE A 216 -6.85 -35.16 -23.33
CA PHE A 216 -6.37 -33.77 -23.46
C PHE A 216 -7.51 -32.79 -23.71
N GLY A 217 -8.61 -33.27 -24.29
CA GLY A 217 -9.74 -32.42 -24.64
C GLY A 217 -9.39 -31.45 -25.75
N LYS A 218 -9.81 -30.19 -25.59
CA LYS A 218 -9.34 -29.15 -26.51
C LYS A 218 -7.90 -28.86 -26.15
N PHE A 219 -7.15 -28.32 -27.11
CA PHE A 219 -5.68 -28.35 -27.07
C PHE A 219 -5.23 -29.80 -26.86
N GLY A 220 -5.97 -30.69 -27.54
CA GLY A 220 -5.62 -32.08 -27.73
C GLY A 220 -5.92 -32.40 -29.18
N ARG A 221 -7.09 -31.95 -29.64
CA ARG A 221 -7.46 -31.98 -31.05
C ARG A 221 -6.60 -30.99 -31.84
N ILE A 222 -6.32 -29.84 -31.23
CA ILE A 222 -5.39 -28.86 -31.77
C ILE A 222 -4.07 -29.52 -32.15
N LEU A 223 -3.54 -30.36 -31.26
CA LEU A 223 -2.26 -31.00 -31.48
C LEU A 223 -2.32 -31.87 -32.73
N TRP A 224 -3.41 -32.63 -32.86
CA TRP A 224 -3.66 -33.46 -34.03
C TRP A 224 -3.70 -32.62 -35.31
N GLU A 225 -4.35 -31.44 -35.21
CA GLU A 225 -4.43 -30.48 -36.30
C GLU A 225 -3.04 -30.00 -36.74
N ARG A 226 -2.39 -29.28 -35.84
CA ARG A 226 -1.06 -28.72 -36.07
C ARG A 226 -0.08 -29.79 -36.56
N SER A 227 -0.24 -31.01 -36.07
CA SER A 227 0.57 -32.13 -36.55
C SER A 227 0.22 -32.50 -37.98
N GLN A 228 -1.07 -32.36 -38.34
CA GLN A 228 -1.48 -32.49 -39.73
C GLN A 228 -1.20 -31.20 -40.50
N GLY A 229 -0.65 -30.20 -39.81
CA GLY A 229 -0.29 -28.95 -40.44
C GLY A 229 -1.44 -27.99 -40.69
N ILE A 230 -2.47 -28.08 -39.86
CA ILE A 230 -3.60 -27.16 -39.97
C ILE A 230 -3.63 -26.18 -38.79
N ASP A 231 -3.74 -24.90 -39.12
CA ASP A 231 -3.93 -23.83 -38.15
C ASP A 231 -4.71 -22.73 -38.86
N GLU A 232 -6.03 -22.85 -38.85
CA GLU A 232 -6.90 -21.98 -39.65
C GLU A 232 -7.13 -20.63 -38.97
N ARG A 233 -6.48 -20.44 -37.82
CA ARG A 233 -6.50 -19.15 -37.12
C ARG A 233 -6.10 -18.02 -38.06
N ASP A 234 -6.57 -16.81 -37.77
CA ASP A 234 -6.31 -15.66 -38.61
C ASP A 234 -5.80 -14.47 -37.81
N VAL A 235 -4.97 -13.64 -38.44
CA VAL A 235 -4.50 -12.41 -37.82
C VAL A 235 -5.73 -11.58 -37.42
N ASN A 236 -5.74 -11.05 -36.20
CA ASN A 236 -6.97 -10.44 -35.66
C ASN A 236 -7.09 -8.92 -35.80
N SER A 237 -5.95 -8.24 -35.91
CA SER A 237 -5.91 -6.78 -36.14
C SER A 237 -6.56 -5.92 -35.04
N GLU A 238 -7.68 -6.40 -34.50
CA GLU A 238 -8.42 -5.66 -33.50
C GLU A 238 -8.60 -6.45 -32.21
N ARG A 239 -7.71 -7.41 -31.96
CA ARG A 239 -7.69 -8.11 -30.69
C ARG A 239 -7.43 -7.07 -29.59
N LEU A 240 -8.28 -7.06 -28.57
CA LEU A 240 -8.16 -6.09 -27.48
C LEU A 240 -7.93 -6.72 -26.10
N ARG A 241 -7.28 -5.96 -25.22
CA ARG A 241 -6.90 -6.44 -23.89
C ARG A 241 -8.09 -6.65 -22.96
N LYS A 242 -8.32 -7.90 -22.56
CA LYS A 242 -9.50 -8.30 -21.80
C LYS A 242 -9.37 -8.11 -20.27
N SER A 243 -8.15 -7.91 -19.80
CA SER A 243 -7.92 -7.74 -18.37
C SER A 243 -6.72 -6.85 -18.10
N VAL A 244 -6.75 -6.17 -16.95
CA VAL A 244 -5.60 -5.38 -16.48
C VAL A 244 -5.39 -5.59 -14.98
N GLY A 245 -4.15 -5.90 -14.60
CA GLY A 245 -3.83 -6.12 -13.20
C GLY A 245 -2.58 -5.39 -12.76
N VAL A 246 -2.40 -5.29 -11.44
CA VAL A 246 -1.17 -4.77 -10.86
C VAL A 246 -0.87 -5.60 -9.62
N GLU A 247 0.28 -6.25 -9.58
CA GLU A 247 0.63 -7.08 -8.41
C GLU A 247 2.06 -6.84 -7.92
N ARG A 248 2.24 -6.92 -6.60
CA ARG A 248 3.54 -6.66 -6.01
C ARG A 248 3.99 -7.83 -5.10
N THR A 249 5.24 -8.26 -5.26
CA THR A 249 5.84 -9.26 -4.38
C THR A 249 6.79 -8.59 -3.39
N MET A 250 6.60 -8.83 -2.10
CA MET A 250 7.41 -8.19 -1.07
C MET A 250 8.70 -8.96 -0.74
N ALA A 251 9.69 -8.22 -0.21
CA ALA A 251 10.98 -8.82 0.13
C ALA A 251 10.88 -9.78 1.32
N GLU A 252 9.95 -9.51 2.24
CA GLU A 252 9.66 -10.37 3.38
C GLU A 252 8.16 -10.65 3.40
N ASP A 253 7.77 -11.84 3.86
CA ASP A 253 6.36 -12.16 4.04
C ASP A 253 5.75 -11.24 5.11
N ILE A 254 4.53 -10.78 4.86
CA ILE A 254 3.81 -9.97 5.83
C ILE A 254 2.84 -10.86 6.60
N HIS A 255 2.55 -10.51 7.86
CA HIS A 255 1.65 -11.32 8.68
C HIS A 255 0.60 -10.48 9.37
N HIS A 256 0.63 -9.18 9.13
CA HIS A 256 -0.37 -8.26 9.68
C HIS A 256 -1.29 -7.74 8.59
N TRP A 257 -2.59 -7.75 8.86
CA TRP A 257 -3.58 -7.26 7.90
C TRP A 257 -3.35 -5.79 7.55
N SER A 258 -2.83 -5.03 8.50
CA SER A 258 -2.54 -3.61 8.27
C SER A 258 -1.53 -3.45 7.13
N GLU A 259 -0.57 -4.36 7.08
CA GLU A 259 0.42 -4.37 6.00
C GLU A 259 -0.28 -4.63 4.67
N CYS A 260 -1.13 -5.64 4.64
CA CYS A 260 -1.89 -5.96 3.43
C CYS A 260 -2.75 -4.80 2.92
N GLU A 261 -3.55 -4.21 3.81
CA GLU A 261 -4.38 -3.05 3.47
C GLU A 261 -3.50 -1.91 2.96
N ALA A 262 -2.38 -1.67 3.65
CA ALA A 262 -1.47 -0.59 3.26
C ALA A 262 -0.97 -0.81 1.83
N ILE A 263 -0.53 -2.03 1.55
CA ILE A 263 -0.07 -2.40 0.22
C ILE A 263 -1.17 -2.22 -0.85
N ILE A 264 -2.39 -2.64 -0.53
CA ILE A 264 -3.52 -2.40 -1.45
C ILE A 264 -3.70 -0.91 -1.73
N GLU A 265 -3.50 -0.09 -0.70
CA GLU A 265 -3.65 1.35 -0.87
C GLU A 265 -2.51 1.96 -1.68
N ARG A 266 -1.34 1.33 -1.63
CA ARG A 266 -0.24 1.78 -2.48
C ARG A 266 -0.43 1.32 -3.92
N LEU A 267 -1.10 0.19 -4.10
CA LEU A 267 -1.29 -0.38 -5.44
C LEU A 267 -2.45 0.23 -6.22
N TYR A 268 -3.51 0.62 -5.53
CA TYR A 268 -4.73 1.14 -6.18
C TYR A 268 -4.55 2.38 -7.09
N PRO A 269 -3.76 3.38 -6.66
CA PRO A 269 -3.50 4.54 -7.52
C PRO A 269 -2.82 4.13 -8.82
N GLU A 270 -2.08 3.03 -8.81
CA GLU A 270 -1.41 2.53 -10.00
C GLU A 270 -2.39 1.74 -10.87
N LEU A 271 -3.37 1.11 -10.23
CA LEU A 271 -4.44 0.46 -10.98
C LEU A 271 -5.36 1.53 -11.56
N GLU A 272 -5.37 2.69 -10.92
CA GLU A 272 -6.15 3.84 -11.37
C GLU A 272 -5.64 4.35 -12.72
N ARG A 273 -4.38 4.79 -12.73
CA ARG A 273 -3.74 5.33 -13.93
C ARG A 273 -3.89 4.40 -15.13
N ARG A 274 -3.49 3.15 -14.96
CA ARG A 274 -3.49 2.18 -16.05
C ARG A 274 -4.91 1.92 -16.58
N LEU A 275 -5.90 1.93 -15.69
CA LEU A 275 -7.29 1.81 -16.12
C LEU A 275 -7.75 3.09 -16.81
N ALA A 276 -7.35 4.23 -16.26
CA ALA A 276 -7.66 5.52 -16.88
C ALA A 276 -6.81 5.72 -18.13
N LYS A 277 -7.03 4.87 -19.13
CA LYS A 277 -6.22 4.85 -20.35
C LYS A 277 -6.83 3.88 -21.37
N VAL A 278 -7.81 3.11 -20.91
CA VAL A 278 -8.59 2.22 -21.77
C VAL A 278 -10.03 2.62 -21.53
N LYS A 279 -10.25 3.16 -20.34
CA LYS A 279 -11.55 3.61 -19.89
C LYS A 279 -11.32 4.64 -18.78
N PRO A 280 -11.11 5.92 -19.16
CA PRO A 280 -10.79 7.01 -18.24
C PRO A 280 -11.92 7.28 -17.26
N ASP A 281 -13.03 6.57 -17.42
CA ASP A 281 -14.21 6.70 -16.57
C ASP A 281 -14.31 5.56 -15.56
N LEU A 282 -13.45 4.56 -15.73
CA LEU A 282 -13.28 3.41 -14.82
C LEU A 282 -14.34 2.28 -14.93
N LEU A 283 -14.51 1.80 -16.17
CA LEU A 283 -15.24 0.59 -16.54
C LEU A 283 -15.60 -0.44 -15.45
N ILE A 284 -14.80 -1.51 -15.43
CA ILE A 284 -15.03 -2.77 -14.73
C ILE A 284 -16.17 -3.59 -15.29
N ALA A 285 -15.84 -4.80 -15.71
CA ALA A 285 -16.80 -5.86 -15.91
C ALA A 285 -16.76 -6.71 -14.63
N ARG A 286 -15.54 -7.07 -14.21
CA ARG A 286 -15.31 -7.76 -12.94
C ARG A 286 -14.09 -7.14 -12.26
N GLN A 287 -14.06 -7.14 -10.93
CA GLN A 287 -12.80 -6.85 -10.23
C GLN A 287 -12.48 -7.89 -9.15
N GLY A 288 -11.23 -7.91 -8.70
CA GLY A 288 -10.76 -8.94 -7.78
C GLY A 288 -9.38 -8.73 -7.17
N VAL A 289 -9.01 -9.64 -6.27
CA VAL A 289 -7.73 -9.57 -5.56
C VAL A 289 -6.94 -10.86 -5.64
N LYS A 290 -5.65 -10.76 -5.35
CA LYS A 290 -4.75 -11.90 -5.47
C LYS A 290 -3.87 -11.98 -4.23
N LEU A 291 -3.80 -13.17 -3.63
CA LEU A 291 -2.84 -13.44 -2.56
C LEU A 291 -1.95 -14.62 -2.93
N LYS A 292 -0.64 -14.45 -2.79
CA LYS A 292 0.29 -15.56 -2.90
C LYS A 292 0.84 -15.80 -1.50
N PHE A 293 0.82 -17.05 -1.06
CA PHE A 293 1.27 -17.40 0.29
C PHE A 293 2.70 -17.95 0.33
N ASP A 294 3.26 -18.08 1.54
CA ASP A 294 4.65 -18.48 1.75
C ASP A 294 4.98 -19.86 1.17
N ASP A 295 3.95 -20.65 0.94
CA ASP A 295 4.11 -21.99 0.39
C ASP A 295 3.92 -21.93 -1.12
N PHE A 296 3.98 -20.69 -1.64
CA PHE A 296 3.89 -20.40 -3.07
C PHE A 296 2.56 -20.77 -3.71
N GLN A 297 1.57 -21.05 -2.88
CA GLN A 297 0.20 -21.23 -3.37
C GLN A 297 -0.45 -19.85 -3.50
N GLN A 298 -1.20 -19.65 -4.58
CA GLN A 298 -1.97 -18.43 -4.70
C GLN A 298 -3.47 -18.68 -4.76
N THR A 299 -4.22 -17.62 -4.49
CA THR A 299 -5.65 -17.63 -4.64
C THR A 299 -6.08 -16.25 -5.17
N THR A 300 -7.05 -16.27 -6.07
CA THR A 300 -7.66 -15.06 -6.58
C THR A 300 -9.13 -15.05 -6.16
N GLN A 301 -9.62 -13.87 -5.79
CA GLN A 301 -11.03 -13.71 -5.48
C GLN A 301 -11.58 -12.55 -6.30
N GLU A 302 -12.30 -12.89 -7.36
CA GLU A 302 -12.90 -11.90 -8.25
C GLU A 302 -14.43 -11.99 -8.20
N HIS A 303 -15.08 -10.96 -8.73
CA HIS A 303 -16.53 -10.97 -8.91
C HIS A 303 -17.00 -9.88 -9.87
N VAL A 304 -18.22 -10.06 -10.38
CA VAL A 304 -18.88 -9.06 -11.21
C VAL A 304 -19.06 -7.76 -10.43
N TRP A 305 -18.56 -6.66 -10.98
CA TRP A 305 -18.62 -5.37 -10.32
C TRP A 305 -18.87 -4.30 -11.38
N PRO A 306 -19.64 -3.25 -11.03
CA PRO A 306 -20.01 -2.24 -12.04
C PRO A 306 -18.90 -1.26 -12.41
N ARG A 307 -18.09 -0.85 -11.43
CA ARG A 307 -17.14 0.24 -11.64
C ARG A 307 -15.98 0.20 -10.63
N LEU A 308 -14.78 0.61 -11.04
CA LEU A 308 -13.60 0.45 -10.20
C LEU A 308 -13.68 1.28 -8.92
N ASN A 309 -13.62 0.60 -7.78
CA ASN A 309 -13.48 1.28 -6.50
C ASN A 309 -12.70 0.47 -5.46
N LYS A 310 -11.96 1.21 -4.63
CA LYS A 310 -11.02 0.64 -3.67
C LYS A 310 -11.70 -0.08 -2.51
N ALA A 311 -12.74 0.54 -1.95
CA ALA A 311 -13.45 -0.02 -0.80
C ALA A 311 -13.85 -1.48 -1.00
N ASP A 312 -14.40 -1.80 -2.16
CA ASP A 312 -14.80 -3.18 -2.43
C ASP A 312 -13.58 -4.10 -2.52
N LEU A 313 -12.48 -3.58 -3.05
CA LEU A 313 -11.24 -4.34 -3.14
C LEU A 313 -10.65 -4.65 -1.76
N ILE A 314 -10.83 -3.71 -0.82
CA ILE A 314 -10.32 -3.86 0.54
C ILE A 314 -11.24 -4.75 1.35
N ALA A 315 -12.54 -4.70 1.05
CA ALA A 315 -13.50 -5.62 1.64
C ALA A 315 -13.17 -7.05 1.20
N THR A 316 -13.04 -7.22 -0.12
CA THR A 316 -12.72 -8.52 -0.70
C THR A 316 -11.39 -9.02 -0.18
N ALA A 317 -10.43 -8.11 0.01
CA ALA A 317 -9.12 -8.47 0.53
C ALA A 317 -9.16 -8.88 2.01
N ARG A 318 -9.79 -8.06 2.84
CA ARG A 318 -9.98 -8.39 4.26
C ARG A 318 -10.66 -9.74 4.41
N LYS A 319 -11.63 -10.03 3.54
CA LYS A 319 -12.28 -11.34 3.50
C LYS A 319 -11.40 -12.50 3.01
N THR A 320 -10.58 -12.26 1.98
CA THR A 320 -9.67 -13.28 1.43
C THR A 320 -8.56 -13.62 2.41
N TRP A 321 -8.19 -12.63 3.22
CA TRP A 321 -7.14 -12.73 4.22
C TRP A 321 -7.63 -13.42 5.50
N ASP A 322 -8.95 -13.40 5.73
CA ASP A 322 -9.56 -14.02 6.90
C ASP A 322 -10.15 -15.41 6.62
N GLU A 323 -10.05 -15.89 5.39
CA GLU A 323 -10.75 -17.12 5.01
C GLU A 323 -9.97 -18.14 4.19
N ARG A 324 -8.87 -17.71 3.57
CA ARG A 324 -8.09 -18.61 2.70
C ARG A 324 -6.62 -18.65 3.11
N ARG A 325 -6.25 -17.70 3.97
CA ARG A 325 -4.87 -17.52 4.43
C ARG A 325 -4.35 -18.71 5.24
N GLY A 326 -5.13 -19.11 6.25
CA GLY A 326 -4.76 -20.24 7.09
C GLY A 326 -3.48 -20.02 7.87
N GLY A 327 -3.36 -18.86 8.51
CA GLY A 327 -2.21 -18.60 9.37
C GLY A 327 -0.92 -18.34 8.61
N ARG A 328 -0.94 -18.59 7.31
CA ARG A 328 0.24 -18.40 6.46
C ARG A 328 0.60 -16.93 6.30
N GLY A 329 1.84 -16.68 5.90
CA GLY A 329 2.25 -15.33 5.51
C GLY A 329 2.14 -15.20 4.00
N VAL A 330 2.02 -13.97 3.51
CA VAL A 330 1.85 -13.69 2.08
C VAL A 330 3.03 -12.94 1.47
N ARG A 331 3.52 -13.46 0.35
CA ARG A 331 4.64 -12.86 -0.37
C ARG A 331 4.18 -11.84 -1.43
N LEU A 332 2.96 -12.03 -1.93
CA LEU A 332 2.42 -11.20 -3.01
C LEU A 332 1.00 -10.70 -2.76
N VAL A 333 0.78 -9.42 -3.05
CA VAL A 333 -0.55 -8.82 -3.03
C VAL A 333 -0.88 -8.23 -4.39
N GLY A 334 -2.01 -8.64 -4.97
CA GLY A 334 -2.39 -8.17 -6.27
C GLY A 334 -3.81 -7.64 -6.45
N LEU A 335 -3.95 -6.71 -7.38
CA LEU A 335 -5.24 -6.16 -7.82
C LEU A 335 -5.49 -6.54 -9.27
N HIS A 336 -6.76 -6.67 -9.62
CA HIS A 336 -7.12 -7.14 -10.96
C HIS A 336 -8.53 -6.72 -11.39
N VAL A 337 -8.65 -6.27 -12.64
CA VAL A 337 -9.97 -6.07 -13.25
C VAL A 337 -10.09 -6.76 -14.62
N THR A 338 -11.26 -7.34 -14.86
CA THR A 338 -11.62 -7.82 -16.18
C THR A 338 -12.28 -6.63 -16.88
N LEU A 339 -12.26 -6.60 -18.22
CA LEU A 339 -12.86 -5.49 -18.96
C LEU A 339 -14.09 -5.96 -19.76
N LEU A 340 -14.99 -5.02 -20.10
CA LEU A 340 -16.18 -5.29 -20.94
C LEU A 340 -15.82 -5.76 -22.35
N ASP A 341 -16.81 -6.30 -23.05
CA ASP A 341 -16.65 -6.70 -24.44
C ASP A 341 -16.47 -5.51 -25.41
N PRO A 342 -17.46 -4.59 -25.51
CA PRO A 342 -17.09 -3.42 -26.32
C PRO A 342 -16.25 -2.42 -25.51
N GLY B 1 -13.15 41.25 12.21
CA GLY B 1 -11.71 41.46 12.11
C GLY B 1 -10.91 40.19 12.33
N SER B 2 -10.20 40.13 13.46
CA SER B 2 -9.45 38.93 13.83
C SER B 2 -9.77 38.51 15.26
N ARG B 3 -9.64 37.23 15.54
CA ARG B 3 -9.82 36.74 16.90
C ARG B 3 -8.48 36.71 17.63
N LYS B 4 -8.55 36.64 18.96
CA LYS B 4 -7.37 36.44 19.79
C LYS B 4 -7.52 35.11 20.49
N ILE B 5 -6.80 34.10 20.01
CA ILE B 5 -6.90 32.80 20.63
C ILE B 5 -5.58 32.37 21.28
N ILE B 6 -5.67 31.87 22.51
CA ILE B 6 -4.52 31.40 23.27
C ILE B 6 -4.61 29.88 23.43
N HIS B 7 -3.52 29.19 23.13
CA HIS B 7 -3.39 27.78 23.51
C HIS B 7 -2.44 27.65 24.68
N VAL B 8 -2.97 27.19 25.82
CA VAL B 8 -2.14 26.93 26.98
C VAL B 8 -1.87 25.42 27.12
N ASP B 9 -0.61 25.10 27.41
CA ASP B 9 -0.12 23.72 27.46
C ASP B 9 0.90 23.53 28.59
N MET B 10 0.58 22.70 29.58
CA MET B 10 1.52 22.36 30.65
C MET B 10 2.78 21.68 30.10
N ASP B 11 3.92 21.95 30.71
CA ASP B 11 5.18 21.34 30.26
C ASP B 11 5.37 20.00 30.94
N CYS B 12 5.79 18.99 30.19
CA CYS B 12 6.07 17.64 30.73
C CYS B 12 5.08 17.23 31.81
N PHE B 13 3.80 17.36 31.52
CA PHE B 13 2.75 17.45 32.53
C PHE B 13 2.81 16.43 33.65
N PHE B 14 2.69 15.16 33.29
CA PHE B 14 2.68 14.12 34.30
C PHE B 14 4.02 14.13 35.04
N ALA B 15 5.10 14.09 34.27
CA ALA B 15 6.45 14.15 34.82
C ALA B 15 6.62 15.36 35.74
N ALA B 16 6.08 16.50 35.32
CA ALA B 16 6.20 17.71 36.11
C ALA B 16 5.49 17.58 37.46
N VAL B 17 4.28 17.04 37.46
CA VAL B 17 3.56 16.79 38.72
C VAL B 17 4.34 15.84 39.64
N GLU B 18 4.88 14.75 39.08
CA GLU B 18 5.66 13.84 39.92
C GLU B 18 6.90 14.52 40.52
N MET B 19 7.66 15.22 39.68
CA MET B 19 8.84 15.94 40.15
C MET B 19 8.50 16.97 41.23
N ARG B 20 7.40 17.67 41.06
CA ARG B 20 6.97 18.61 42.09
C ARG B 20 6.75 17.87 43.39
N ASP B 21 5.99 16.79 43.33
CA ASP B 21 5.67 16.04 44.54
C ASP B 21 6.87 15.27 45.12
N ASN B 22 7.82 14.91 44.26
CA ASN B 22 9.08 14.27 44.68
C ASN B 22 10.31 14.88 44.02
N PRO B 23 10.89 15.91 44.65
CA PRO B 23 12.00 16.70 44.08
C PRO B 23 13.24 15.86 43.79
N ALA B 24 13.35 14.67 44.37
CA ALA B 24 14.48 13.79 44.09
C ALA B 24 14.53 13.38 42.62
N LEU B 25 13.43 13.58 41.90
CA LEU B 25 13.34 13.18 40.51
C LEU B 25 13.59 14.34 39.55
N ARG B 26 13.87 15.52 40.11
CA ARG B 26 14.06 16.73 39.30
C ARG B 26 15.13 16.64 38.22
N ASP B 27 16.31 16.15 38.61
CA ASP B 27 17.47 16.20 37.72
C ASP B 27 17.89 14.83 37.20
N ILE B 28 17.09 13.81 37.51
CA ILE B 28 17.35 12.45 37.01
C ILE B 28 16.34 12.09 35.92
N PRO B 29 16.73 11.22 34.97
CA PRO B 29 15.73 10.83 33.98
C PRO B 29 14.58 9.99 34.59
N ILE B 30 13.36 10.51 34.48
CA ILE B 30 12.17 9.77 34.89
C ILE B 30 11.18 9.71 33.74
N ALA B 31 10.31 8.72 33.77
CA ALA B 31 9.24 8.63 32.79
C ALA B 31 8.01 8.06 33.46
N ILE B 32 6.86 8.51 32.97
CA ILE B 32 5.59 7.94 33.34
C ILE B 32 5.18 7.04 32.19
N GLY B 33 5.03 5.75 32.51
CA GLY B 33 4.63 4.74 31.54
C GLY B 33 4.54 3.37 32.17
N GLY B 34 4.04 2.38 31.43
CA GLY B 34 3.94 1.03 31.95
C GLY B 34 5.21 0.21 31.75
N SER B 35 5.49 -0.74 32.64
CA SER B 35 6.72 -1.51 32.57
C SER B 35 6.84 -2.32 31.27
N ARG B 36 8.08 -2.70 30.93
CA ARG B 36 8.36 -3.56 29.78
C ARG B 36 7.72 -4.90 30.02
N GLU B 37 7.84 -5.35 31.28
CA GLU B 37 7.15 -6.53 31.79
C GLU B 37 5.68 -6.51 31.40
N ARG B 38 4.96 -5.51 31.90
CA ARG B 38 3.55 -5.30 31.57
C ARG B 38 3.35 -4.85 30.11
N ARG B 39 4.44 -4.75 29.36
CA ARG B 39 4.39 -4.41 27.94
C ARG B 39 3.89 -2.99 27.65
N GLY B 40 4.25 -2.07 28.53
CA GLY B 40 3.74 -0.71 28.44
C GLY B 40 4.54 0.21 27.53
N VAL B 41 3.99 1.40 27.29
CA VAL B 41 4.67 2.43 26.51
C VAL B 41 4.97 3.60 27.45
N ILE B 42 5.71 4.59 26.96
CA ILE B 42 6.05 5.73 27.79
C ILE B 42 5.09 6.90 27.58
N SER B 43 4.16 7.09 28.51
CA SER B 43 3.19 8.18 28.42
C SER B 43 3.97 9.46 28.16
N THR B 44 4.74 9.89 29.17
CA THR B 44 5.60 11.07 29.03
C THR B 44 6.94 10.93 29.74
N ALA B 45 7.87 11.84 29.46
CA ALA B 45 9.17 11.79 30.13
C ALA B 45 9.65 13.19 30.46
N ASN B 46 10.53 13.31 31.44
CA ASN B 46 11.06 14.62 31.79
C ASN B 46 12.21 15.00 30.86
N TYR B 47 12.64 16.26 30.91
CA TYR B 47 13.71 16.69 29.99
C TYR B 47 15.02 15.89 30.07
N PRO B 48 15.51 15.60 31.30
CA PRO B 48 16.69 14.72 31.36
C PRO B 48 16.49 13.40 30.61
N ALA B 49 15.26 12.89 30.53
CA ALA B 49 15.03 11.62 29.83
C ALA B 49 14.86 11.81 28.32
N ARG B 50 14.28 12.93 27.93
CA ARG B 50 14.12 13.25 26.52
C ARG B 50 15.49 13.41 25.87
N LYS B 51 16.43 13.93 26.64
CA LYS B 51 17.83 14.06 26.20
C LYS B 51 18.40 12.73 25.67
N PHE B 52 17.89 11.61 26.20
CA PHE B 52 18.31 10.29 25.69
C PHE B 52 17.46 9.88 24.50
N GLY B 53 16.50 10.70 24.12
CA GLY B 53 15.62 10.38 23.01
C GLY B 53 14.32 9.72 23.41
N VAL B 54 14.06 9.61 24.72
CA VAL B 54 12.79 9.08 25.20
C VAL B 54 11.60 9.99 24.83
N ARG B 55 10.58 9.41 24.19
CA ARG B 55 9.45 10.14 23.61
C ARG B 55 8.12 9.57 24.15
N SER B 56 7.06 10.39 24.14
CA SER B 56 5.70 9.87 24.40
C SER B 56 5.41 8.80 23.37
N ALA B 57 4.60 7.81 23.73
CA ALA B 57 4.13 6.76 22.80
C ALA B 57 5.23 5.80 22.36
N MET B 58 6.40 5.93 22.97
CA MET B 58 7.51 5.02 22.73
C MET B 58 7.38 3.80 23.65
N PRO B 59 7.41 2.58 23.06
CA PRO B 59 7.46 1.32 23.82
C PRO B 59 8.51 1.41 24.91
N THR B 60 8.20 0.93 26.11
CA THR B 60 9.10 1.08 27.26
C THR B 60 10.45 0.37 27.03
N GLY B 61 10.40 -0.74 26.29
CA GLY B 61 11.61 -1.45 25.90
C GLY B 61 12.64 -0.56 25.20
N MET B 62 12.19 0.19 24.20
CA MET B 62 13.08 1.07 23.46
C MET B 62 13.55 2.23 24.32
N ALA B 63 12.67 2.70 25.20
CA ALA B 63 13.04 3.73 26.18
C ALA B 63 14.21 3.28 27.05
N LEU B 64 14.21 2.00 27.42
CA LEU B 64 15.23 1.48 28.31
C LEU B 64 16.51 1.13 27.55
N LYS B 65 16.38 0.75 26.29
CA LYS B 65 17.56 0.64 25.44
C LYS B 65 18.22 2.01 25.28
N LEU B 66 17.41 3.06 25.25
CA LEU B 66 17.87 4.44 25.06
C LEU B 66 18.37 5.10 26.36
N CYS B 67 17.68 4.81 27.45
CA CYS B 67 18.03 5.38 28.75
C CYS B 67 17.88 4.29 29.80
N PRO B 68 18.97 3.59 30.10
CA PRO B 68 18.90 2.39 30.94
C PRO B 68 18.72 2.68 32.43
N HIS B 69 19.12 3.88 32.85
CA HIS B 69 18.86 4.31 34.23
C HIS B 69 17.51 5.05 34.32
N LEU B 70 16.68 4.93 33.29
CA LEU B 70 15.34 5.51 33.32
C LEU B 70 14.52 5.01 34.51
N THR B 71 14.28 5.90 35.47
CA THR B 71 13.34 5.66 36.56
C THR B 71 11.90 5.65 36.03
N LEU B 72 11.15 4.58 36.32
CA LEU B 72 9.81 4.44 35.76
C LEU B 72 8.66 4.59 36.77
N LEU B 73 7.63 5.31 36.34
CA LEU B 73 6.47 5.60 37.16
C LEU B 73 5.19 5.11 36.48
N PRO B 74 4.27 4.55 37.27
CA PRO B 74 3.01 3.96 36.79
C PRO B 74 1.94 5.00 36.46
N GLY B 75 1.90 6.09 37.21
CA GLY B 75 0.89 7.12 37.00
C GLY B 75 0.06 7.43 38.22
N ARG B 76 -0.23 8.71 38.45
CA ARG B 76 -1.15 9.13 39.52
C ARG B 76 -2.24 10.08 39.01
N PHE B 77 -3.29 9.51 38.42
CA PHE B 77 -4.27 10.29 37.69
C PHE B 77 -5.13 11.25 38.51
N ASP B 78 -5.29 10.98 39.80
CA ASP B 78 -6.03 11.92 40.65
C ASP B 78 -5.25 13.22 40.79
N ALA B 79 -3.94 13.12 40.96
CA ALA B 79 -3.08 14.31 41.04
C ALA B 79 -3.17 15.13 39.76
N TYR B 80 -3.08 14.42 38.64
CA TYR B 80 -3.19 15.03 37.31
C TYR B 80 -4.53 15.75 37.15
N LYS B 81 -5.62 15.08 37.55
CA LYS B 81 -6.95 15.68 37.53
C LYS B 81 -7.05 16.90 38.44
N GLU B 82 -6.41 16.86 39.61
CA GLU B 82 -6.45 18.01 40.51
C GLU B 82 -5.78 19.20 39.85
N ALA B 83 -4.58 18.99 39.34
CA ALA B 83 -3.86 20.02 38.61
C ALA B 83 -4.70 20.59 37.46
N SER B 84 -5.23 19.71 36.63
CA SER B 84 -6.05 20.10 35.49
C SER B 84 -7.24 20.98 35.88
N ASN B 85 -8.01 20.50 36.86
CA ASN B 85 -9.11 21.31 37.41
C ASN B 85 -8.66 22.69 37.84
N HIS B 86 -7.63 22.74 38.68
CA HIS B 86 -7.07 23.99 39.17
C HIS B 86 -6.74 24.97 38.02
N ILE B 87 -5.91 24.52 37.08
CA ILE B 87 -5.55 25.37 35.95
C ILE B 87 -6.79 25.79 35.16
N ARG B 88 -7.81 24.95 35.14
CA ARG B 88 -9.03 25.27 34.42
C ARG B 88 -9.80 26.40 35.11
N GLU B 89 -9.86 26.38 36.44
CA GLU B 89 -10.48 27.46 37.19
C GLU B 89 -9.74 28.77 36.89
N ILE B 90 -8.42 28.69 36.98
CA ILE B 90 -7.54 29.79 36.58
C ILE B 90 -7.89 30.34 35.20
N PHE B 91 -8.11 29.46 34.22
CA PHE B 91 -8.51 29.90 32.89
C PHE B 91 -9.82 30.68 33.01
N SER B 92 -10.77 30.16 33.79
CA SER B 92 -12.10 30.77 33.92
C SER B 92 -12.07 32.17 34.54
N ARG B 93 -11.00 32.50 35.25
CA ARG B 93 -10.86 33.88 35.75
C ARG B 93 -10.72 34.95 34.66
N TYR B 94 -10.47 34.55 33.42
CA TYR B 94 -10.15 35.50 32.35
C TYR B 94 -11.20 35.49 31.24
N THR B 95 -11.72 34.31 30.95
CA THR B 95 -12.77 34.17 29.96
C THR B 95 -13.63 32.95 30.27
N SER B 96 -14.79 32.86 29.62
CA SER B 96 -15.63 31.69 29.76
C SER B 96 -15.50 30.89 28.48
N ARG B 97 -14.86 31.51 27.49
CA ARG B 97 -14.67 30.83 26.21
C ARG B 97 -13.44 29.94 26.31
N ILE B 98 -13.61 28.81 27.01
CA ILE B 98 -12.55 27.84 27.25
C ILE B 98 -12.88 26.47 26.67
N GLU B 99 -11.99 25.95 25.85
CA GLU B 99 -12.14 24.60 25.30
C GLU B 99 -10.97 23.70 25.74
N PRO B 100 -11.16 22.94 26.84
CA PRO B 100 -10.15 21.95 27.25
C PRO B 100 -9.98 20.90 26.16
N LEU B 101 -8.73 20.53 25.84
CA LEU B 101 -8.49 19.53 24.80
C LEU B 101 -8.06 18.21 25.42
N SER B 102 -7.75 18.28 26.72
CA SER B 102 -7.23 17.15 27.47
C SER B 102 -6.97 17.69 28.87
N LEU B 103 -6.36 16.87 29.72
CA LEU B 103 -6.04 17.32 31.09
C LEU B 103 -5.18 18.59 31.13
N ASP B 104 -4.18 18.68 30.25
CA ASP B 104 -3.18 19.75 30.33
C ASP B 104 -3.21 20.79 29.20
N GLU B 105 -4.22 20.76 28.33
CA GLU B 105 -4.27 21.71 27.22
C GLU B 105 -5.65 22.40 27.12
N ALA B 106 -5.64 23.69 26.74
CA ALA B 106 -6.90 24.35 26.48
C ALA B 106 -6.76 25.51 25.52
N TYR B 107 -7.76 25.70 24.67
CA TYR B 107 -7.91 26.93 23.90
C TYR B 107 -8.71 27.92 24.73
N LEU B 108 -8.37 29.19 24.63
CA LEU B 108 -9.13 30.27 25.25
C LEU B 108 -9.36 31.31 24.16
N ASP B 109 -10.59 31.78 24.03
CA ASP B 109 -10.91 32.88 23.10
C ASP B 109 -11.05 34.16 23.92
N VAL B 110 -10.03 35.02 23.82
CA VAL B 110 -9.95 36.24 24.61
C VAL B 110 -10.18 37.48 23.74
N THR B 111 -10.73 37.29 22.55
CA THR B 111 -11.07 38.37 21.61
C THR B 111 -11.83 39.53 22.25
N ASP B 112 -12.84 39.21 23.05
CA ASP B 112 -13.66 40.22 23.72
C ASP B 112 -13.49 40.14 25.23
N SER B 113 -12.25 40.12 25.70
CA SER B 113 -12.00 39.98 27.14
C SER B 113 -11.67 41.30 27.81
N VAL B 114 -10.82 42.08 27.15
CA VAL B 114 -10.25 43.31 27.71
C VAL B 114 -9.83 43.16 29.18
N HIS B 115 -9.15 42.05 29.50
CA HIS B 115 -8.71 41.76 30.85
C HIS B 115 -7.32 42.32 31.15
N CYS B 116 -6.58 42.63 30.10
CA CYS B 116 -5.28 43.28 30.24
C CYS B 116 -5.12 44.26 29.09
N HIS B 117 -6.09 45.18 28.99
CA HIS B 117 -6.22 46.11 27.87
C HIS B 117 -6.38 45.33 26.57
N GLY B 118 -6.99 44.15 26.68
CA GLY B 118 -7.21 43.29 25.52
C GLY B 118 -5.95 42.70 24.95
N SER B 119 -4.86 42.74 25.71
CA SER B 119 -3.60 42.16 25.25
C SER B 119 -3.62 40.66 25.47
N ALA B 120 -3.64 39.90 24.40
CA ALA B 120 -3.63 38.44 24.52
C ALA B 120 -2.33 37.98 25.18
N THR B 121 -1.22 38.63 24.82
CA THR B 121 0.12 38.30 25.32
C THR B 121 0.23 38.45 26.83
N LEU B 122 -0.24 39.58 27.34
CA LEU B 122 -0.33 39.80 28.78
C LEU B 122 -1.14 38.70 29.45
N ILE B 123 -2.32 38.40 28.88
CA ILE B 123 -3.21 37.40 29.50
C ILE B 123 -2.51 36.05 29.59
N ALA B 124 -1.99 35.59 28.46
CA ALA B 124 -1.19 34.37 28.42
C ALA B 124 -0.12 34.39 29.52
N GLN B 125 0.53 35.54 29.69
CA GLN B 125 1.58 35.70 30.71
C GLN B 125 1.09 35.53 32.14
N GLU B 126 -0.01 36.19 32.48
CA GLU B 126 -0.55 36.12 33.82
C GLU B 126 -0.98 34.70 34.14
N ILE B 127 -1.63 34.09 33.15
CA ILE B 127 -2.07 32.70 33.22
C ILE B 127 -0.91 31.73 33.40
N ARG B 128 0.23 31.97 32.75
CA ARG B 128 1.41 31.08 32.92
C ARG B 128 2.06 31.29 34.29
N GLN B 129 2.13 32.55 34.69
CA GLN B 129 2.27 32.89 36.10
C GLN B 129 0.93 32.44 36.70
N THR B 130 0.46 33.00 37.79
CA THR B 130 -0.71 32.39 38.48
C THR B 130 -0.65 30.86 38.60
N ILE B 131 -0.47 30.17 37.47
CA ILE B 131 -0.35 28.71 37.42
C ILE B 131 0.97 28.24 38.01
N PHE B 132 2.06 28.95 37.68
CA PHE B 132 3.32 28.64 38.35
C PHE B 132 3.25 28.91 39.84
N ASN B 133 2.71 30.07 40.20
CA ASN B 133 2.27 30.28 41.58
C ASN B 133 1.11 29.31 41.76
N GLU B 134 0.56 29.15 42.94
CA GLU B 134 -0.56 28.20 43.08
C GLU B 134 -0.27 26.71 42.76
N LEU B 135 0.25 26.37 41.57
CA LEU B 135 0.55 24.95 41.32
C LEU B 135 2.01 24.49 41.41
N GLN B 136 2.96 25.44 41.31
CA GLN B 136 4.38 25.11 41.16
C GLN B 136 4.64 24.21 39.95
N LEU B 137 3.91 24.47 38.88
CA LEU B 137 4.15 23.82 37.60
C LEU B 137 4.31 24.91 36.56
N THR B 138 4.87 24.58 35.40
CA THR B 138 5.05 25.59 34.37
C THR B 138 4.27 25.25 33.11
N ALA B 139 3.84 26.29 32.41
CA ALA B 139 3.13 26.09 31.17
C ALA B 139 3.75 26.94 30.08
N SER B 140 3.52 26.54 28.85
CA SER B 140 3.86 27.36 27.71
C SER B 140 2.57 27.77 27.06
N ALA B 141 2.62 28.81 26.26
CA ALA B 141 1.43 29.29 25.59
C ALA B 141 1.72 29.82 24.20
N GLY B 142 0.70 29.72 23.37
CA GLY B 142 0.75 30.21 22.01
C GLY B 142 -0.38 31.20 21.80
N VAL B 143 -0.10 32.25 21.05
CA VAL B 143 -1.12 33.23 20.76
C VAL B 143 -1.15 33.43 19.25
N ALA B 144 -2.35 33.47 18.67
CA ALA B 144 -2.51 33.51 17.23
C ALA B 144 -3.94 33.87 16.87
N PRO B 145 -4.23 34.09 15.57
CA PRO B 145 -5.60 34.48 15.19
C PRO B 145 -6.50 33.28 14.97
N VAL B 146 -5.89 32.11 14.87
CA VAL B 146 -6.62 30.86 14.69
C VAL B 146 -6.13 29.76 15.62
N LYS B 147 -6.98 28.74 15.78
CA LYS B 147 -6.73 27.66 16.72
C LYS B 147 -5.39 26.97 16.50
N PHE B 148 -5.19 26.46 15.29
CA PHE B 148 -4.07 25.55 15.05
C PHE B 148 -2.71 26.27 15.11
N LEU B 149 -2.67 27.51 14.64
CA LEU B 149 -1.48 28.36 14.78
C LEU B 149 -1.18 28.69 16.25
N ALA B 150 -2.20 28.79 17.08
CA ALA B 150 -1.97 29.05 18.50
C ALA B 150 -1.34 27.79 19.11
N LYS B 151 -1.87 26.64 18.69
CA LYS B 151 -1.42 25.36 19.20
C LYS B 151 0.05 25.11 18.82
N ILE B 152 0.36 25.36 17.55
CA ILE B 152 1.74 25.27 17.08
C ILE B 152 2.64 26.26 17.82
N ALA B 153 2.15 27.47 18.04
CA ALA B 153 2.90 28.49 18.76
C ALA B 153 3.29 28.05 20.16
N SER B 154 2.39 27.34 20.84
CA SER B 154 2.68 26.90 22.20
C SER B 154 3.91 25.95 22.25
N ASP B 155 4.23 25.31 21.13
CA ASP B 155 5.39 24.42 21.08
C ASP B 155 6.68 25.14 20.69
N MET B 156 6.57 26.44 20.41
CA MET B 156 7.70 27.23 19.87
C MET B 156 8.75 27.59 20.91
N ASN B 157 8.30 28.04 22.08
CA ASN B 157 9.20 28.41 23.18
C ASN B 157 8.97 27.57 24.42
N LYS B 158 8.72 26.28 24.24
CA LYS B 158 8.61 25.34 25.33
C LYS B 158 10.01 24.93 25.82
N PRO B 159 10.20 24.79 27.14
CA PRO B 159 9.21 24.94 28.21
C PRO B 159 9.15 26.34 28.77
N ASN B 160 8.17 26.59 29.63
CA ASN B 160 8.01 27.87 30.32
C ASN B 160 8.21 29.11 29.44
N GLY B 161 7.50 29.18 28.32
CA GLY B 161 7.61 30.33 27.42
C GLY B 161 6.37 30.59 26.59
N GLN B 162 6.29 31.75 25.95
CA GLN B 162 5.18 32.07 25.05
C GLN B 162 5.68 32.21 23.62
N PHE B 163 4.75 32.24 22.68
CA PHE B 163 5.09 32.66 21.32
C PHE B 163 3.87 33.27 20.66
N VAL B 164 4.06 34.41 20.02
CA VAL B 164 2.95 35.14 19.40
C VAL B 164 3.06 35.19 17.88
N ILE B 165 2.02 34.76 17.20
CA ILE B 165 1.96 34.90 15.74
C ILE B 165 0.87 35.90 15.38
N THR B 166 1.25 37.02 14.75
CA THR B 166 0.30 38.03 14.33
C THR B 166 -0.10 37.79 12.88
N PRO B 167 -1.31 38.27 12.49
CA PRO B 167 -1.82 38.12 11.12
C PRO B 167 -0.79 38.45 10.05
N ALA B 168 -0.03 39.53 10.25
CA ALA B 168 1.04 39.90 9.32
C ALA B 168 2.19 38.88 9.29
N GLU B 169 2.54 38.31 10.44
CA GLU B 169 3.56 37.27 10.48
C GLU B 169 3.13 35.95 9.81
N VAL B 170 1.82 35.73 9.69
CA VAL B 170 1.31 34.43 9.25
C VAL B 170 1.90 33.79 7.98
N PRO B 171 1.98 34.54 6.87
CA PRO B 171 2.47 33.93 5.62
C PRO B 171 3.94 33.50 5.63
N ALA B 172 4.82 34.31 6.25
CA ALA B 172 6.21 33.89 6.43
C ALA B 172 6.28 32.68 7.37
N PHE B 173 5.48 32.70 8.42
CA PHE B 173 5.42 31.54 9.32
C PHE B 173 5.02 30.25 8.60
N LEU B 174 4.09 30.36 7.65
CA LEU B 174 3.58 29.17 6.96
C LEU B 174 4.46 28.68 5.81
N GLN B 175 5.14 29.59 5.11
CA GLN B 175 5.90 29.19 3.90
C GLN B 175 6.74 27.92 4.05
N THR B 176 7.44 27.78 5.18
CA THR B 176 8.25 26.59 5.44
C THR B 176 7.75 25.70 6.57
N LEU B 177 6.57 26.02 7.10
CA LEU B 177 5.92 25.21 8.13
C LEU B 177 5.55 23.86 7.53
N PRO B 178 6.14 22.77 8.06
CA PRO B 178 5.93 21.40 7.56
C PRO B 178 4.51 20.91 7.86
N LEU B 179 3.92 20.14 6.96
CA LEU B 179 2.53 19.70 7.09
C LEU B 179 2.30 18.86 8.33
N ALA B 180 3.34 18.11 8.70
CA ALA B 180 3.27 17.22 9.85
C ALA B 180 3.02 18.00 11.12
N LYS B 181 3.51 19.23 11.16
CA LYS B 181 3.33 20.08 12.33
C LYS B 181 1.86 20.45 12.60
N ILE B 182 1.01 20.32 11.58
CA ILE B 182 -0.41 20.66 11.75
C ILE B 182 -1.19 19.56 12.47
N PRO B 183 -1.85 19.90 13.59
CA PRO B 183 -2.69 18.96 14.34
C PRO B 183 -3.66 18.22 13.41
N GLY B 184 -3.65 16.89 13.45
CA GLY B 184 -4.47 16.13 12.52
C GLY B 184 -3.69 15.51 11.37
N VAL B 185 -2.53 16.08 11.05
CA VAL B 185 -1.66 15.46 10.07
C VAL B 185 -0.69 14.55 10.81
N GLY B 186 -0.94 13.24 10.75
CA GLY B 186 -0.10 12.27 11.41
C GLY B 186 0.88 11.67 10.43
N LYS B 187 1.53 10.58 10.83
CA LYS B 187 2.59 9.98 10.03
C LYS B 187 2.10 9.38 8.70
N VAL B 188 0.92 8.78 8.70
CA VAL B 188 0.40 8.22 7.45
C VAL B 188 0.19 9.36 6.45
N SER B 189 -0.55 10.38 6.85
CA SER B 189 -0.83 11.54 6.01
C SER B 189 0.43 12.25 5.59
N ALA B 190 1.34 12.49 6.54
CA ALA B 190 2.62 13.11 6.21
C ALA B 190 3.35 12.32 5.13
N ALA B 191 3.31 11.00 5.23
CA ALA B 191 3.96 10.18 4.22
C ALA B 191 3.30 10.25 2.85
N LYS B 192 1.97 10.19 2.80
CA LYS B 192 1.24 10.40 1.55
C LYS B 192 1.62 11.74 0.91
N LEU B 193 1.63 12.79 1.71
CA LEU B 193 1.90 14.14 1.25
C LEU B 193 3.35 14.30 0.77
N GLU B 194 4.29 13.71 1.49
CA GLU B 194 5.70 13.70 1.13
C GLU B 194 5.90 12.92 -0.16
N ALA B 195 5.09 11.89 -0.36
CA ALA B 195 5.16 11.07 -1.57
C ALA B 195 4.44 11.69 -2.76
N MET B 196 4.24 13.00 -2.72
CA MET B 196 3.73 13.70 -3.90
C MET B 196 4.31 15.11 -3.97
N GLY B 197 5.45 15.31 -3.33
CA GLY B 197 6.16 16.58 -3.42
C GLY B 197 5.72 17.60 -2.39
N LEU B 198 4.77 17.20 -1.54
CA LEU B 198 4.18 18.11 -0.56
C LEU B 198 4.76 17.92 0.86
N ARG B 199 5.59 18.87 1.29
CA ARG B 199 6.20 18.79 2.62
C ARG B 199 5.75 19.92 3.54
N THR B 200 5.68 21.13 2.99
CA THR B 200 5.34 22.33 3.77
C THR B 200 3.99 22.91 3.36
N CYS B 201 3.53 23.91 4.08
CA CYS B 201 2.29 24.57 3.71
C CYS B 201 2.52 25.38 2.43
N GLY B 202 3.72 25.96 2.33
CA GLY B 202 4.12 26.70 1.14
C GLY B 202 3.89 25.91 -0.15
N ASP B 203 4.16 24.61 -0.11
CA ASP B 203 3.97 23.76 -1.28
C ASP B 203 2.51 23.50 -1.58
N VAL B 204 1.67 23.51 -0.54
CA VAL B 204 0.25 23.23 -0.69
C VAL B 204 -0.49 24.48 -1.15
N GLN B 205 0.07 25.65 -0.84
CA GLN B 205 -0.52 26.91 -1.29
C GLN B 205 -0.53 26.95 -2.81
N LYS B 206 0.52 26.38 -3.40
CA LYS B 206 0.68 26.32 -4.85
C LYS B 206 -0.03 25.11 -5.45
N CYS B 207 -0.88 24.47 -4.65
CA CYS B 207 -1.52 23.22 -5.05
C CYS B 207 -2.97 23.46 -5.46
N ASP B 208 -3.53 22.54 -6.23
CA ASP B 208 -4.89 22.65 -6.74
C ASP B 208 -5.91 22.03 -5.77
N LEU B 209 -6.85 22.84 -5.31
CA LEU B 209 -7.87 22.41 -4.36
C LEU B 209 -8.67 21.23 -4.91
N VAL B 210 -8.98 21.28 -6.21
CA VAL B 210 -9.75 20.21 -6.84
C VAL B 210 -9.09 18.83 -6.67
N MET B 211 -7.80 18.74 -7.00
CA MET B 211 -7.10 17.46 -6.87
C MET B 211 -6.83 17.10 -5.41
N LEU B 212 -6.78 18.09 -4.54
CA LEU B 212 -6.65 17.81 -3.11
C LEU B 212 -7.91 17.12 -2.61
N LEU B 213 -9.07 17.66 -3.00
CA LEU B 213 -10.36 17.05 -2.67
C LEU B 213 -10.45 15.66 -3.31
N LYS B 214 -9.86 15.52 -4.50
CA LYS B 214 -9.78 14.24 -5.19
C LYS B 214 -8.96 13.21 -4.42
N ARG B 215 -7.89 13.68 -3.79
CA ARG B 215 -6.87 12.82 -3.23
C ARG B 215 -7.08 12.52 -1.75
N PHE B 216 -7.86 13.36 -1.08
CA PHE B 216 -8.02 13.26 0.38
C PHE B 216 -9.44 13.56 0.84
N GLY B 217 -10.19 14.25 -0.01
CA GLY B 217 -11.52 14.70 0.35
C GLY B 217 -11.52 15.83 1.36
N LYS B 218 -12.38 15.68 2.36
CA LYS B 218 -12.56 16.70 3.40
C LYS B 218 -11.24 17.08 4.04
N PHE B 219 -10.40 16.07 4.27
CA PHE B 219 -9.07 16.32 4.82
C PHE B 219 -8.22 17.17 3.87
N GLY B 220 -8.48 17.03 2.58
CA GLY B 220 -7.78 17.79 1.56
C GLY B 220 -8.18 19.24 1.63
N ARG B 221 -9.47 19.48 1.84
CA ARG B 221 -9.93 20.85 2.06
C ARG B 221 -9.28 21.42 3.31
N ILE B 222 -9.20 20.61 4.35
CA ILE B 222 -8.61 21.06 5.61
C ILE B 222 -7.13 21.41 5.41
N LEU B 223 -6.40 20.57 4.68
CA LEU B 223 -5.02 20.85 4.32
C LEU B 223 -4.89 22.16 3.54
N TRP B 224 -5.76 22.34 2.55
CA TRP B 224 -5.73 23.55 1.73
C TRP B 224 -5.92 24.79 2.60
N GLU B 225 -6.97 24.76 3.42
CA GLU B 225 -7.27 25.86 4.32
C GLU B 225 -6.12 26.16 5.30
N ARG B 226 -5.71 25.17 6.08
CA ARG B 226 -4.62 25.34 7.03
C ARG B 226 -3.36 25.91 6.36
N SER B 227 -2.99 25.34 5.21
CA SER B 227 -1.87 25.86 4.45
C SER B 227 -2.04 27.33 4.10
N GLN B 228 -3.25 27.76 3.74
CA GLN B 228 -3.53 29.20 3.53
C GLN B 228 -3.63 29.96 4.86
N GLY B 229 -3.53 29.25 5.99
CA GLY B 229 -3.68 29.92 7.27
C GLY B 229 -5.14 30.03 7.73
N ILE B 230 -6.06 29.46 6.97
CA ILE B 230 -7.47 29.56 7.33
C ILE B 230 -7.86 28.48 8.37
N ASP B 231 -8.49 28.90 9.46
CA ASP B 231 -9.04 27.97 10.46
C ASP B 231 -10.21 28.62 11.19
N GLU B 232 -11.40 28.46 10.63
CA GLU B 232 -12.57 29.16 11.15
C GLU B 232 -13.26 28.40 12.28
N ARG B 233 -12.64 27.34 12.78
CA ARG B 233 -13.19 26.60 13.92
C ARG B 233 -13.25 27.51 15.12
N ASP B 234 -14.40 27.56 15.76
CA ASP B 234 -14.61 28.43 16.91
C ASP B 234 -14.31 27.67 18.20
N VAL B 235 -13.86 28.39 19.22
CA VAL B 235 -13.70 27.82 20.54
C VAL B 235 -15.06 27.49 21.15
N ASN B 236 -15.31 26.21 21.41
CA ASN B 236 -16.67 25.74 21.76
C ASN B 236 -17.10 25.95 23.21
N SER B 237 -16.39 25.30 24.13
CA SER B 237 -16.76 25.31 25.56
C SER B 237 -18.00 24.50 25.98
N GLU B 238 -18.71 23.92 25.03
CA GLU B 238 -19.87 23.08 25.39
C GLU B 238 -19.70 21.65 24.91
N ARG B 239 -18.46 21.21 24.73
CA ARG B 239 -18.22 19.84 24.29
C ARG B 239 -18.48 18.91 25.47
N LEU B 240 -19.09 17.76 25.19
CA LEU B 240 -19.42 16.77 26.21
C LEU B 240 -18.88 15.41 25.79
N ARG B 241 -18.44 14.61 26.75
CA ARG B 241 -17.95 13.29 26.45
C ARG B 241 -19.06 12.41 25.84
N LYS B 242 -18.70 11.62 24.83
CA LYS B 242 -19.68 10.82 24.10
C LYS B 242 -19.55 9.32 24.32
N SER B 243 -18.49 8.90 25.00
CA SER B 243 -18.28 7.48 25.21
C SER B 243 -17.46 7.27 26.45
N VAL B 244 -17.51 6.05 26.98
CA VAL B 244 -16.62 5.68 28.06
C VAL B 244 -16.28 4.23 27.86
N GLY B 245 -14.99 3.89 28.00
CA GLY B 245 -14.51 2.54 27.79
C GLY B 245 -13.41 2.20 28.76
N VAL B 246 -13.23 0.91 29.02
CA VAL B 246 -12.18 0.42 29.89
C VAL B 246 -11.51 -0.73 29.16
N GLU B 247 -10.18 -0.69 29.04
CA GLU B 247 -9.48 -1.76 28.34
C GLU B 247 -8.20 -2.17 29.06
N ARG B 248 -7.78 -3.42 28.83
CA ARG B 248 -6.59 -3.96 29.49
C ARG B 248 -5.70 -4.78 28.56
N THR B 249 -4.41 -4.49 28.60
CA THR B 249 -3.40 -5.25 27.87
C THR B 249 -2.70 -6.17 28.87
N MET B 250 -2.72 -7.47 28.59
CA MET B 250 -2.14 -8.45 29.52
C MET B 250 -0.66 -8.69 29.27
N ALA B 251 0.01 -9.20 30.31
CA ALA B 251 1.45 -9.45 30.26
C ALA B 251 1.80 -10.43 29.15
N GLU B 252 1.10 -11.57 29.13
CA GLU B 252 1.25 -12.54 28.06
C GLU B 252 -0.08 -12.61 27.35
N ASP B 253 -0.08 -13.00 26.09
CA ASP B 253 -1.32 -13.24 25.36
C ASP B 253 -2.17 -14.28 26.09
N ILE B 254 -3.49 -14.21 25.87
CA ILE B 254 -4.38 -15.26 26.32
C ILE B 254 -4.83 -16.08 25.11
N HIS B 255 -5.16 -17.34 25.33
CA HIS B 255 -5.50 -18.25 24.24
C HIS B 255 -6.83 -18.99 24.45
N HIS B 256 -7.41 -18.85 25.63
CA HIS B 256 -8.67 -19.53 25.97
C HIS B 256 -9.77 -18.54 26.39
N TRP B 257 -11.00 -18.86 26.02
CA TRP B 257 -12.14 -18.04 26.34
C TRP B 257 -12.26 -17.81 27.85
N SER B 258 -11.92 -18.83 28.64
CA SER B 258 -11.99 -18.70 30.08
C SER B 258 -11.17 -17.51 30.57
N GLU B 259 -9.98 -17.33 30.01
CA GLU B 259 -9.10 -16.22 30.35
C GLU B 259 -9.72 -14.86 30.00
N CYS B 260 -10.27 -14.78 28.79
CA CYS B 260 -10.95 -13.57 28.32
C CYS B 260 -12.04 -13.21 29.31
N GLU B 261 -12.86 -14.20 29.63
CA GLU B 261 -14.00 -14.02 30.52
C GLU B 261 -13.56 -13.57 31.91
N ALA B 262 -12.47 -14.12 32.41
CA ALA B 262 -11.93 -13.68 33.70
C ALA B 262 -11.56 -12.20 33.63
N ILE B 263 -10.85 -11.83 32.56
CA ILE B 263 -10.46 -10.43 32.37
C ILE B 263 -11.70 -9.53 32.37
N ILE B 264 -12.72 -9.91 31.61
CA ILE B 264 -13.94 -9.11 31.51
C ILE B 264 -14.62 -8.98 32.87
N GLU B 265 -14.64 -10.08 33.61
CA GLU B 265 -15.13 -10.07 34.99
C GLU B 265 -14.46 -8.99 35.82
N ARG B 266 -13.14 -8.86 35.70
CA ARG B 266 -12.42 -7.79 36.40
C ARG B 266 -12.60 -6.38 35.78
N LEU B 267 -12.96 -6.34 34.50
CA LEU B 267 -13.03 -5.11 33.75
C LEU B 267 -14.37 -4.38 33.96
N TYR B 268 -15.45 -5.15 34.05
CA TYR B 268 -16.81 -4.59 34.23
C TYR B 268 -16.99 -3.66 35.44
N PRO B 269 -16.60 -4.11 36.67
CA PRO B 269 -16.73 -3.22 37.84
C PRO B 269 -16.11 -1.83 37.63
N GLU B 270 -14.95 -1.76 36.99
CA GLU B 270 -14.32 -0.47 36.73
C GLU B 270 -15.15 0.38 35.77
N LEU B 271 -15.70 -0.27 34.74
CA LEU B 271 -16.53 0.43 33.76
C LEU B 271 -17.82 0.92 34.38
N GLU B 272 -18.42 0.07 35.22
CA GLU B 272 -19.67 0.45 35.87
C GLU B 272 -19.43 1.60 36.84
N ARG B 273 -18.30 1.54 37.55
CA ARG B 273 -17.95 2.57 38.53
C ARG B 273 -17.76 3.93 37.85
N ARG B 274 -17.12 3.91 36.68
CA ARG B 274 -16.89 5.14 35.91
C ARG B 274 -18.17 5.71 35.35
N LEU B 275 -18.98 4.86 34.75
CA LEU B 275 -20.26 5.28 34.20
C LEU B 275 -21.22 5.79 35.29
N ALA B 276 -21.11 5.21 36.48
CA ALA B 276 -21.97 5.60 37.60
C ALA B 276 -21.74 7.05 37.99
N LYS B 277 -20.49 7.49 37.87
CA LYS B 277 -20.13 8.87 38.12
C LYS B 277 -20.88 9.84 37.21
N VAL B 278 -21.07 9.44 35.96
CA VAL B 278 -21.65 10.32 34.94
C VAL B 278 -23.12 10.04 34.69
N LYS B 279 -23.52 8.77 34.84
CA LYS B 279 -24.92 8.39 34.74
C LYS B 279 -25.27 7.28 35.72
N PRO B 280 -25.80 7.68 36.90
CA PRO B 280 -26.03 6.79 38.05
C PRO B 280 -27.03 5.67 37.78
N ASP B 281 -27.89 5.86 36.79
CA ASP B 281 -28.85 4.82 36.42
C ASP B 281 -28.27 3.89 35.36
N LEU B 282 -27.07 4.23 34.88
CA LEU B 282 -26.31 3.41 33.92
C LEU B 282 -26.98 3.30 32.56
N LEU B 283 -27.89 4.21 32.24
CA LEU B 283 -28.59 4.13 30.96
C LEU B 283 -27.64 4.61 29.86
N ILE B 284 -27.61 3.87 28.75
CA ILE B 284 -26.68 4.14 27.66
C ILE B 284 -27.35 4.01 26.32
N ALA B 285 -26.63 4.35 25.25
CA ALA B 285 -27.16 4.21 23.89
C ALA B 285 -26.69 2.91 23.22
N ARG B 286 -25.42 2.57 23.41
CA ARG B 286 -24.82 1.39 22.81
C ARG B 286 -23.81 0.78 23.79
N GLN B 287 -23.63 -0.54 23.74
CA GLN B 287 -22.49 -1.15 24.43
C GLN B 287 -21.84 -2.21 23.54
N GLY B 288 -20.62 -2.59 23.91
CA GLY B 288 -19.83 -3.49 23.08
C GLY B 288 -18.46 -3.80 23.64
N VAL B 289 -17.74 -4.68 22.95
CA VAL B 289 -16.44 -5.13 23.39
C VAL B 289 -15.38 -4.88 22.31
N LYS B 290 -14.13 -5.08 22.69
CA LYS B 290 -13.01 -4.81 21.83
C LYS B 290 -11.98 -5.90 22.10
N LEU B 291 -11.46 -6.53 21.04
CA LEU B 291 -10.31 -7.43 21.20
C LEU B 291 -9.15 -7.02 20.29
N LYS B 292 -7.94 -7.01 20.84
CA LYS B 292 -6.74 -6.81 20.04
C LYS B 292 -5.86 -8.07 20.06
N PHE B 293 -5.54 -8.57 18.87
CA PHE B 293 -4.79 -9.82 18.72
C PHE B 293 -3.27 -9.69 18.80
N ASP B 294 -2.58 -10.82 18.75
CA ASP B 294 -1.11 -10.84 18.80
C ASP B 294 -0.43 -10.04 17.68
N ASP B 295 -1.09 -9.98 16.52
CA ASP B 295 -0.56 -9.29 15.35
C ASP B 295 -0.96 -7.82 15.34
N PHE B 296 -1.64 -7.40 16.40
CA PHE B 296 -2.07 -6.02 16.63
C PHE B 296 -3.24 -5.54 15.78
N GLN B 297 -3.87 -6.46 15.04
CA GLN B 297 -5.16 -6.13 14.45
C GLN B 297 -6.19 -6.11 15.59
N GLN B 298 -7.18 -5.24 15.48
CA GLN B 298 -8.22 -5.19 16.49
C GLN B 298 -9.59 -5.30 15.86
N THR B 299 -10.54 -5.78 16.63
CA THR B 299 -11.93 -5.80 16.20
C THR B 299 -12.79 -5.30 17.37
N THR B 300 -13.86 -4.58 17.03
CA THR B 300 -14.80 -4.14 18.04
C THR B 300 -16.15 -4.66 17.62
N GLN B 301 -16.98 -5.01 18.59
CA GLN B 301 -18.36 -5.37 18.27
C GLN B 301 -19.28 -4.60 19.22
N GLU B 302 -20.24 -3.89 18.65
CA GLU B 302 -21.10 -3.02 19.44
C GLU B 302 -22.52 -3.05 18.93
N HIS B 303 -23.47 -2.72 19.79
CA HIS B 303 -24.86 -2.73 19.40
C HIS B 303 -25.65 -1.81 20.32
N VAL B 304 -26.78 -1.30 19.81
CA VAL B 304 -27.68 -0.55 20.67
C VAL B 304 -28.06 -1.39 21.88
N TRP B 305 -28.14 -0.73 23.03
CA TRP B 305 -28.41 -1.36 24.30
C TRP B 305 -28.73 -0.25 25.27
N PRO B 306 -29.76 -0.45 26.10
CA PRO B 306 -30.33 0.63 26.91
C PRO B 306 -29.62 0.91 28.23
N ARG B 307 -29.04 -0.12 28.84
CA ARG B 307 -28.35 0.02 30.12
C ARG B 307 -27.12 -0.91 30.22
N LEU B 308 -26.03 -0.39 30.77
CA LEU B 308 -24.80 -1.16 31.00
C LEU B 308 -25.13 -2.54 31.59
N ASN B 309 -24.62 -3.60 30.93
CA ASN B 309 -25.01 -4.95 31.29
C ASN B 309 -23.91 -5.99 31.11
N LYS B 310 -23.41 -6.52 32.23
CA LYS B 310 -22.30 -7.46 32.22
C LYS B 310 -22.56 -8.68 31.35
N ALA B 311 -23.63 -9.40 31.64
CA ALA B 311 -23.91 -10.64 30.91
C ALA B 311 -23.95 -10.44 29.39
N ASP B 312 -24.68 -9.43 28.91
CA ASP B 312 -24.70 -9.18 27.47
C ASP B 312 -23.29 -8.94 26.94
N LEU B 313 -22.52 -8.12 27.63
CA LEU B 313 -21.14 -7.85 27.22
C LEU B 313 -20.34 -9.14 27.08
N ILE B 314 -20.41 -9.99 28.12
CA ILE B 314 -19.78 -11.31 28.09
C ILE B 314 -20.22 -12.13 26.88
N ALA B 315 -21.53 -12.10 26.63
CA ALA B 315 -22.15 -12.81 25.52
C ALA B 315 -21.56 -12.39 24.17
N THR B 316 -21.60 -11.10 23.87
CA THR B 316 -21.03 -10.58 22.63
C THR B 316 -19.53 -10.82 22.55
N ALA B 317 -18.82 -10.67 23.66
CA ALA B 317 -17.38 -10.93 23.65
C ALA B 317 -17.07 -12.38 23.29
N ARG B 318 -17.93 -13.28 23.74
CA ARG B 318 -17.81 -14.70 23.41
C ARG B 318 -18.05 -14.90 21.93
N LYS B 319 -19.11 -14.27 21.43
CA LYS B 319 -19.39 -14.27 19.99
C LYS B 319 -18.17 -13.83 19.18
N THR B 320 -17.67 -12.63 19.47
CA THR B 320 -16.47 -12.08 18.84
C THR B 320 -15.32 -13.06 18.90
N TRP B 321 -15.10 -13.61 20.08
CA TRP B 321 -14.03 -14.54 20.31
C TRP B 321 -14.15 -15.75 19.39
N ASP B 322 -15.37 -16.21 19.19
CA ASP B 322 -15.60 -17.37 18.35
C ASP B 322 -15.49 -17.08 16.85
N GLU B 323 -16.05 -15.95 16.42
CA GLU B 323 -16.15 -15.61 14.99
C GLU B 323 -14.93 -14.91 14.37
N ARG B 324 -14.15 -14.19 15.20
CA ARG B 324 -13.08 -13.32 14.68
C ARG B 324 -11.66 -13.61 15.17
N ARG B 325 -11.51 -14.41 16.21
CA ARG B 325 -10.17 -14.68 16.76
C ARG B 325 -9.25 -15.37 15.76
N GLY B 326 -9.76 -16.43 15.14
CA GLY B 326 -8.98 -17.19 14.16
C GLY B 326 -7.79 -17.92 14.74
N GLY B 327 -7.85 -18.27 16.02
CA GLY B 327 -6.80 -19.05 16.65
C GLY B 327 -5.56 -18.24 16.99
N ARG B 328 -5.76 -16.97 17.36
CA ARG B 328 -4.65 -16.09 17.69
C ARG B 328 -4.58 -15.79 19.17
N GLY B 329 -3.40 -15.34 19.62
CA GLY B 329 -3.26 -14.80 20.95
C GLY B 329 -4.08 -13.52 21.04
N VAL B 330 -4.47 -13.17 22.25
CA VAL B 330 -5.15 -11.91 22.47
C VAL B 330 -4.32 -11.13 23.47
N ARG B 331 -3.92 -9.92 23.10
CA ARG B 331 -3.07 -9.10 23.97
C ARG B 331 -3.90 -8.10 24.76
N LEU B 332 -5.07 -7.77 24.24
CA LEU B 332 -5.94 -6.80 24.91
C LEU B 332 -7.41 -7.17 24.83
N VAL B 333 -8.15 -6.84 25.89
CA VAL B 333 -9.61 -6.91 25.82
C VAL B 333 -10.22 -5.65 26.45
N GLY B 334 -11.32 -5.17 25.87
CA GLY B 334 -11.93 -3.94 26.35
C GLY B 334 -13.45 -3.94 26.27
N LEU B 335 -14.06 -3.09 27.09
CA LEU B 335 -15.50 -2.90 27.11
C LEU B 335 -15.73 -1.43 26.80
N HIS B 336 -16.80 -1.14 26.07
CA HIS B 336 -17.07 0.21 25.61
C HIS B 336 -18.54 0.52 25.76
N VAL B 337 -18.85 1.80 25.91
CA VAL B 337 -20.21 2.27 26.06
C VAL B 337 -20.33 3.59 25.31
N THR B 338 -21.33 3.69 24.45
CA THR B 338 -21.62 4.95 23.78
C THR B 338 -22.70 5.67 24.57
N LEU B 339 -22.38 6.89 25.02
CA LEU B 339 -23.30 7.64 25.85
C LEU B 339 -24.54 8.07 25.05
N LEU B 340 -25.69 8.08 25.72
CA LEU B 340 -26.93 8.61 25.13
C LEU B 340 -26.71 10.01 24.59
N ASP B 341 -27.25 10.28 23.40
CA ASP B 341 -27.35 11.64 22.87
C ASP B 341 -27.82 12.50 24.01
N PRO B 342 -26.94 13.38 24.54
CA PRO B 342 -26.99 13.96 25.89
C PRO B 342 -28.39 14.09 26.51
OP2 RDG C 4 7.62 -15.54 -9.39
P RDG C 4 8.24 -15.04 -8.11
OP1 RDG C 4 7.34 -15.41 -6.91
O5' RDG C 4 8.46 -13.49 -8.03
C5' RDG C 4 9.40 -12.80 -8.77
C4' RDG C 4 9.10 -11.38 -9.06
C3' RDG C 4 7.68 -10.98 -8.88
O3' RDG C 4 7.56 -9.60 -8.92
C2' RDG C 4 7.03 -11.56 -10.05
C1' RDG C 4 8.09 -11.50 -11.15
O4' RDG C 4 9.34 -11.16 -10.40
N9 RDG C 4 8.20 -12.63 -12.20
C4 RDG C 4 8.45 -12.42 -13.54
N3 RDG C 4 8.65 -11.26 -14.29
C2 RDG C 4 8.89 -11.36 -15.61
N1 RDG C 4 8.93 -12.57 -16.21
C6 RDG C 4 8.74 -13.73 -15.51
O6 RDG C 4 8.77 -14.94 -16.12
C5 RDG C 4 8.49 -13.66 -14.12
N7 RDG C 4 8.25 -14.61 -13.13
C8 RDG C 4 8.08 -13.96 -11.97
N2 RDG C 4 9.08 -10.16 -16.36
C11 RDG C 4 8.85 -8.88 -15.77
C10 RDG C 4 10.10 -8.18 -15.25
C9 RDG C 4 10.45 -8.03 -13.89
O7 RDG C 4 11.05 -7.62 -15.99
C12 RDG C 4 12.01 -7.10 -15.23
C7 RDG C 4 11.72 -7.31 -13.88
OP2 RDG E 4 -0.37 0.01 22.67
P RDG E 4 0.41 -1.16 23.23
OP1 RDG E 4 -0.04 -2.44 22.48
O5' RDG E 4 0.22 -1.33 24.77
C5' RDG E 4 0.71 -0.39 25.64
C4' RDG E 4 -0.03 -0.25 26.92
C3' RDG E 4 -1.48 -0.56 26.80
O3' RDG E 4 -2.03 -0.70 28.05
C2' RDG E 4 -2.05 0.63 26.15
C1' RDG E 4 -1.13 1.78 26.56
O4' RDG E 4 -0.01 1.08 27.28
N9 RDG E 4 -0.71 2.85 25.53
C4 RDG E 4 -0.64 4.20 25.79
N3 RDG E 4 -0.90 4.96 26.92
C2 RDG E 4 -0.72 6.31 26.85
N1 RDG E 4 -0.30 6.94 25.74
C6 RDG E 4 -0.03 6.23 24.62
O6 RDG E 4 0.38 6.86 23.49
C5 RDG E 4 -0.19 4.80 24.63
N7 RDG E 4 -0.02 3.79 23.68
C8 RDG E 4 -0.33 2.62 24.25
N2 RDG E 4 -1.01 7.07 28.00
C11 RDG E 4 -1.71 6.42 29.07
C10 RDG E 4 -0.87 6.22 30.32
C9 RDG E 4 -0.05 5.14 30.59
O7 RDG E 4 -0.78 7.10 31.30
C12 RDG E 4 0.03 6.64 32.26
C7 RDG E 4 0.55 5.41 31.89
PG 0KX G . 14.90 -14.24 -28.03
O1G 0KX G . 13.53 -14.01 -28.66
O2G 0KX G . 15.98 -13.46 -28.73
O3G 0KX G . 15.20 -15.72 -28.10
PB 0KX G . 14.01 -12.53 -25.91
O1B 0KX G . 14.89 -11.85 -24.88
O2B 0KX G . 13.59 -11.57 -27.01
O3B 0KX G . 14.80 -13.82 -26.47
PA 0KX G . 11.24 -13.39 -25.75
O1A 0KX G . 11.27 -13.22 -27.25
O2A 0KX G . 10.64 -14.73 -25.39
N3A 0KX G . 12.74 -13.18 -25.13
O5' 0KX G . 10.38 -12.18 -25.12
C5' 0KX G . 10.85 -10.86 -25.29
C4' 0KX G . 10.88 -10.07 -23.99
O4' 0KX G . 9.84 -10.43 -23.10
C3' 0KX G . 12.18 -10.25 -23.22
O3' 0KX G . 13.13 -9.28 -23.58
C2' 0KX G . 11.79 -10.09 -21.77
C1' 0KX G . 10.27 -10.30 -21.75
N1 0KX G . 9.98 -11.56 -21.00
C2 0KX G . 9.78 -11.51 -19.64
N3 0KX G . 9.64 -12.68 -18.93
C4 0KX G . 9.77 -13.90 -19.54
C5 0KX G . 10.05 -13.94 -20.91
C6 0KX G . 10.01 -12.76 -21.64
O2 0KX G . 9.74 -10.44 -19.05
N4 0KX G . 9.61 -15.02 -18.84
MG MG H . 12.49 -12.14 -28.85
MG MG I . 9.52 -14.21 -28.00
PG 0KX J . 5.31 18.76 26.50
O1G 0KX J . 3.97 19.34 26.03
O2G 0KX J . 6.27 18.73 25.33
O3G 0KX J . 5.88 19.52 27.69
PB 0KX J . 3.75 16.73 27.69
O1B 0KX J . 2.90 17.78 28.39
O2B 0KX J . 4.13 15.62 28.66
O3B 0KX J . 5.08 17.23 26.95
PA 0KX J . 1.51 16.48 25.98
O1A 0KX J . 1.34 15.96 24.56
O2A 0KX J . 1.39 17.98 26.11
N3A 0KX J . 2.98 16.04 26.46
O5' 0KX J . 0.40 15.71 26.89
C5' 0KX J . 0.31 15.92 28.29
C4' 0KX J . 0.27 14.57 29.00
O4' 0KX J . -0.52 13.66 28.28
C3' 0KX J . 1.63 13.90 29.08
O3' 0KX J . 2.27 14.25 30.28
C2' 0KX J . 1.35 12.43 29.01
C1' 0KX J . -0.06 12.34 28.44
N1 0KX J . 0.01 11.70 27.11
C2 0KX J . -0.07 10.33 27.06
N3 0KX J . 0.19 9.66 25.88
C4 0KX J . 0.66 10.36 24.78
C5 0KX J . 0.90 11.72 24.88
C6 0KX J . 0.65 12.37 26.09
O2 0KX J . -0.35 9.71 28.09
N4 0KX J . 0.88 9.72 23.63
MG MG K . 2.04 19.63 27.53
MG MG L . -1.85 17.97 26.16
#